data_4J1U
#
_entry.id   4J1U
#
_cell.length_a   81.031
_cell.length_b   112.571
_cell.length_c   86.509
_cell.angle_alpha   90.00
_cell.angle_beta   115.28
_cell.angle_gamma   90.00
#
_symmetry.space_group_name_H-M   'P 1 21 1'
#
loop_
_entity.id
_entity.type
_entity.pdbx_description
1 polymer 'antibody 93F3 Light chain'
2 polymer 'antibody 93F3 Heavy chain'
3 water water
#
loop_
_entity_poly.entity_id
_entity_poly.type
_entity_poly.pdbx_seq_one_letter_code
_entity_poly.pdbx_strand_id
1 'polypeptide(L)'
;DIVMSQSPSSLAVSAGEKVTMSCKSSQSLLNSRTRKNYLAWYQQKPGQSPTKLIYWASTRESGVPDRFTGSGSGTDFTLT
ISSVQAEDLAVYYCKQSYDLPTFGAGTKLELKRSVAAPSVFIFPPSDEQLKSGTASVVCLLNNFYPREAKVQWKVDNALQ
SGNSQESVTEQDSKDSTYSLSSTLTLSKADYEKHKVYACEVTHQGLSSPVTKSFNRGEC
;
A,C,E
2 'polypeptide(L)'
;QVQLKESGPGLVAPSQSLSITCTVSGFSLTDYGVSWIRQPPGKGLEWLGVIWGGGSTYYNSALKSRLSISKDNSKSQVFL
KMNSLQTDDTAMYYCAKHTYGGPGDSWGQGTSVTVSSASTKGPSVFPLAPSSKSTSGGTAALGCLVKDYFPEPVTVSWNS
GALTSGVHTFPAVLQSSGLYSLSSVVTVPSSSLGTQTYICNVNHKPSNTKVDKKVEPKSCDKDVDYKDDDDKHHHHHH
;
B,D,F
#
# COMPACT_ATOMS: atom_id res chain seq x y z
N ASP A 1 -26.07 -24.44 19.90
CA ASP A 1 -25.35 -23.18 19.56
C ASP A 1 -24.22 -23.42 18.53
N ILE A 2 -23.97 -22.40 17.70
CA ILE A 2 -22.91 -22.40 16.68
C ILE A 2 -21.66 -21.73 17.23
N VAL A 3 -20.54 -22.44 17.14
CA VAL A 3 -19.28 -21.93 17.66
C VAL A 3 -18.69 -21.00 16.62
N MET A 4 -18.29 -19.82 17.10
CA MET A 4 -17.79 -18.73 16.27
C MET A 4 -16.31 -18.52 16.57
N SER A 5 -15.46 -18.84 15.62
CA SER A 5 -14.04 -18.78 15.91
C SER A 5 -13.35 -17.58 15.24
N GLN A 6 -12.82 -16.69 16.06
CA GLN A 6 -12.26 -15.41 15.59
C GLN A 6 -10.73 -15.42 15.74
N SER A 7 -10.01 -14.74 14.84
CA SER A 7 -8.54 -14.70 14.90
C SER A 7 -7.91 -13.54 14.13
N PRO A 8 -6.73 -13.08 14.57
CA PRO A 8 -6.05 -13.56 15.78
C PRO A 8 -6.76 -12.94 16.95
N SER A 9 -6.49 -13.42 18.16
CA SER A 9 -7.10 -12.84 19.35
C SER A 9 -6.63 -11.41 19.58
N SER A 10 -5.42 -11.07 19.11
CA SER A 10 -4.89 -9.72 19.28
C SER A 10 -3.97 -9.26 18.13
N LEU A 11 -3.95 -7.96 17.86
CA LEU A 11 -3.27 -7.40 16.70
C LEU A 11 -2.62 -6.07 17.01
N ALA A 12 -1.30 -6.04 16.87
CA ALA A 12 -0.61 -4.82 17.14
C ALA A 12 -0.23 -4.25 15.79
N VAL A 13 -0.49 -2.96 15.61
CA VAL A 13 -0.53 -2.33 14.29
C VAL A 13 -0.24 -0.82 14.35
N SER A 14 0.69 -0.33 13.52
CA SER A 14 0.98 1.11 13.36
C SER A 14 -0.20 1.74 12.64
N ALA A 15 -0.46 3.03 12.86
CA ALA A 15 -1.64 3.69 12.22
C ALA A 15 -1.70 3.62 10.68
N GLY A 16 -0.55 3.62 10.03
CA GLY A 16 -0.54 3.43 8.59
C GLY A 16 -1.12 2.11 8.08
N GLU A 17 -0.88 1.01 8.79
CA GLU A 17 -1.11 -0.30 8.24
C GLU A 17 -2.57 -0.60 7.84
N LYS A 18 -2.69 -1.64 7.01
CA LYS A 18 -3.96 -2.27 6.65
C LYS A 18 -4.01 -3.54 7.45
N VAL A 19 -5.15 -3.79 8.04
CA VAL A 19 -5.27 -4.96 8.87
C VAL A 19 -6.51 -5.72 8.46
N THR A 20 -6.46 -7.02 8.68
CA THR A 20 -7.56 -7.87 8.29
C THR A 20 -7.66 -8.95 9.35
N MET A 21 -8.89 -9.25 9.79
CA MET A 21 -9.12 -10.23 10.84
C MET A 21 -10.23 -11.20 10.53
N SER A 22 -10.00 -12.47 10.82
CA SER A 22 -10.90 -13.52 10.38
C SER A 22 -11.83 -14.02 11.48
N CYS A 23 -12.93 -14.64 11.05
CA CYS A 23 -13.96 -15.19 11.92
C CYS A 23 -14.56 -16.37 11.17
N LYS A 24 -14.29 -17.58 11.65
CA LYS A 24 -14.83 -18.76 11.03
C LYS A 24 -15.96 -19.31 11.88
N SER A 25 -16.91 -19.96 11.21
CA SER A 25 -18.08 -20.52 11.89
C SER A 25 -18.18 -22.00 11.66
N SER A 26 -18.37 -22.74 12.74
CA SER A 26 -18.61 -24.17 12.68
C SER A 26 -19.71 -24.57 11.68
N GLN A 27 -20.66 -23.67 11.43
CA GLN A 27 -21.70 -23.89 10.41
C GLN A 27 -21.89 -22.68 9.46
N SER A 28 -22.52 -22.91 8.33
CA SER A 28 -22.68 -21.86 7.34
C SER A 28 -23.79 -20.90 7.77
N LEU A 29 -23.68 -19.67 7.29
CA LEU A 29 -24.56 -18.62 7.73
C LEU A 29 -25.62 -18.13 6.70
N LEU A 30 -25.62 -18.73 5.50
CA LEU A 30 -26.51 -18.30 4.42
C LEU A 30 -27.95 -18.83 4.51
N ASN A 31 -28.94 -17.97 4.22
CA ASN A 31 -30.35 -18.43 4.10
C ASN A 31 -30.62 -18.97 2.69
N LYS A 36 -28.36 -14.13 1.84
CA LYS A 36 -27.87 -13.27 2.93
C LYS A 36 -27.12 -14.05 3.99
N ASN A 37 -25.83 -13.74 4.17
CA ASN A 37 -25.09 -14.23 5.33
C ASN A 37 -25.47 -13.45 6.57
N TYR A 38 -25.88 -14.16 7.63
CA TYR A 38 -26.29 -13.52 8.88
C TYR A 38 -25.09 -13.37 9.79
N LEU A 39 -24.07 -12.69 9.29
CA LEU A 39 -22.89 -12.41 10.07
C LEU A 39 -22.89 -10.93 10.32
N ALA A 40 -22.56 -10.55 11.55
CA ALA A 40 -22.36 -9.14 11.89
C ALA A 40 -20.99 -8.89 12.54
N TRP A 41 -20.53 -7.66 12.44
CA TRP A 41 -19.32 -7.24 13.11
C TRP A 41 -19.60 -6.09 14.05
N TYR A 42 -19.06 -6.19 15.28
CA TYR A 42 -19.19 -5.13 16.29
C TYR A 42 -17.84 -4.60 16.71
N GLN A 43 -17.85 -3.35 17.11
CA GLN A 43 -16.68 -2.71 17.61
C GLN A 43 -16.96 -2.24 19.04
N GLN A 44 -16.02 -2.53 19.93
CA GLN A 44 -16.09 -2.02 21.28
C GLN A 44 -14.84 -1.21 21.58
N LYS A 45 -15.05 0.09 21.74
CA LYS A 45 -14.02 0.97 22.23
C LYS A 45 -13.92 0.85 23.76
N PRO A 46 -12.74 1.16 24.35
CA PRO A 46 -12.59 1.18 25.82
C PRO A 46 -13.83 1.76 26.54
N GLY A 47 -14.52 0.89 27.25
CA GLY A 47 -15.99 0.93 27.43
C GLY A 47 -16.77 2.22 27.61
N GLN A 48 -17.78 2.54 26.79
CA GLN A 48 -18.20 1.90 25.52
C GLN A 48 -18.27 0.41 25.56
N SER A 49 -19.42 -0.26 25.52
CA SER A 49 -20.69 0.02 24.81
C SER A 49 -20.47 -0.19 23.30
N PRO A 50 -20.65 -1.44 22.85
CA PRO A 50 -20.27 -1.81 21.48
C PRO A 50 -21.22 -1.30 20.42
N THR A 51 -20.65 -0.95 19.28
CA THR A 51 -21.41 -0.45 18.17
C THR A 51 -21.37 -1.49 17.05
N LYS A 52 -22.51 -1.70 16.37
CA LYS A 52 -22.59 -2.57 15.20
C LYS A 52 -21.99 -1.83 13.98
N LEU A 53 -20.99 -2.47 13.35
CA LEU A 53 -20.29 -1.94 12.17
C LEU A 53 -20.79 -2.43 10.82
N ILE A 54 -21.09 -3.72 10.70
CA ILE A 54 -21.36 -4.37 9.43
C ILE A 54 -22.42 -5.43 9.68
N TYR A 55 -23.39 -5.54 8.77
CA TYR A 55 -24.34 -6.65 8.82
C TYR A 55 -24.40 -7.38 7.49
N TRP A 56 -25.12 -8.51 7.46
CA TRP A 56 -25.11 -9.42 6.31
C TRP A 56 -23.75 -9.45 5.69
N ALA A 57 -22.75 -9.58 6.56
CA ALA A 57 -21.36 -9.84 6.19
C ALA A 57 -20.58 -8.67 5.68
N SER A 58 -21.22 -7.77 4.94
CA SER A 58 -20.47 -6.83 4.14
C SER A 58 -21.09 -5.47 3.99
N THR A 59 -22.35 -5.34 4.36
CA THR A 59 -22.99 -4.05 4.24
C THR A 59 -22.74 -3.27 5.54
N ARG A 60 -22.09 -2.11 5.45
CA ARG A 60 -21.82 -1.32 6.67
C ARG A 60 -23.05 -0.63 7.26
N GLU A 61 -22.98 -0.26 8.54
CA GLU A 61 -24.06 0.47 9.22
C GLU A 61 -24.00 1.94 8.88
N SER A 62 -25.05 2.66 9.26
CA SER A 62 -25.16 4.09 9.04
C SER A 62 -24.02 4.86 9.73
N GLY A 63 -23.44 5.84 9.02
CA GLY A 63 -22.39 6.70 9.57
C GLY A 63 -21.02 6.04 9.78
N VAL A 64 -20.90 4.79 9.37
CA VAL A 64 -19.65 4.03 9.50
C VAL A 64 -18.76 4.26 8.29
N PRO A 65 -17.46 4.55 8.52
CA PRO A 65 -16.47 4.81 7.45
C PRO A 65 -16.36 3.75 6.35
N ASP A 66 -15.77 4.16 5.23
CA ASP A 66 -15.49 3.29 4.07
C ASP A 66 -14.23 2.45 4.26
N ARG A 67 -13.48 2.79 5.29
CA ARG A 67 -12.27 2.09 5.68
C ARG A 67 -12.60 0.68 6.24
N PHE A 68 -13.75 0.57 6.90
CA PHE A 68 -14.24 -0.70 7.42
C PHE A 68 -14.85 -1.56 6.31
N THR A 69 -14.21 -2.67 6.02
CA THR A 69 -14.69 -3.58 4.98
C THR A 69 -15.02 -4.97 5.52
N GLY A 70 -16.27 -5.37 5.34
CA GLY A 70 -16.69 -6.73 5.67
C GLY A 70 -16.80 -7.57 4.42
N SER A 71 -16.31 -8.81 4.51
CA SER A 71 -16.37 -9.74 3.38
C SER A 71 -16.37 -11.19 3.83
N GLY A 72 -16.37 -12.09 2.85
CA GLY A 72 -16.41 -13.55 3.08
C GLY A 72 -17.85 -14.04 2.99
N SER A 73 -18.03 -15.37 3.06
CA SER A 73 -19.36 -16.00 2.93
C SER A 73 -19.47 -17.44 3.49
N GLY A 74 -20.68 -17.79 3.93
CA GLY A 74 -21.02 -19.13 4.43
C GLY A 74 -20.37 -19.49 5.75
N THR A 75 -19.06 -19.63 5.71
CA THR A 75 -18.31 -20.18 6.82
C THR A 75 -17.09 -19.33 7.26
N ASP A 76 -16.44 -18.67 6.31
CA ASP A 76 -15.22 -17.88 6.59
C ASP A 76 -15.47 -16.43 6.21
N PHE A 77 -15.20 -15.54 7.16
CA PHE A 77 -15.51 -14.12 7.02
C PHE A 77 -14.31 -13.30 7.37
N THR A 78 -14.31 -12.08 6.86
CA THR A 78 -13.22 -11.18 7.07
C THR A 78 -13.71 -9.77 7.37
N LEU A 79 -12.95 -9.12 8.26
CA LEU A 79 -13.08 -7.71 8.54
C LEU A 79 -11.73 -7.05 8.22
N THR A 80 -11.81 -5.97 7.45
CA THR A 80 -10.63 -5.24 7.02
C THR A 80 -10.69 -3.79 7.46
N ILE A 81 -9.55 -3.27 7.89
CA ILE A 81 -9.37 -1.85 8.03
C ILE A 81 -8.23 -1.49 7.10
N SER A 82 -8.41 -0.41 6.33
CA SER A 82 -7.47 -0.06 5.28
C SER A 82 -6.30 0.77 5.78
N SER A 83 -6.59 1.87 6.46
CA SER A 83 -5.55 2.63 7.13
C SER A 83 -6.04 2.92 8.52
N VAL A 84 -5.83 1.98 9.41
CA VAL A 84 -6.27 2.12 10.80
C VAL A 84 -5.86 3.44 11.44
N GLN A 85 -6.80 4.15 12.04
CA GLN A 85 -6.44 5.28 12.87
C GLN A 85 -6.31 4.87 14.32
N ALA A 86 -5.63 5.72 15.09
CA ALA A 86 -5.57 5.64 16.53
C ALA A 86 -6.97 5.39 17.16
N GLU A 87 -7.99 6.04 16.60
CA GLU A 87 -9.35 5.95 17.14
C GLU A 87 -9.95 4.57 16.96
N ASP A 88 -9.32 3.77 16.13
CA ASP A 88 -9.82 2.44 15.86
C ASP A 88 -9.42 1.45 16.95
N LEU A 89 -8.51 1.86 17.81
CA LEU A 89 -8.17 1.09 18.99
C LEU A 89 -9.47 0.67 19.66
N ALA A 90 -9.69 -0.65 19.69
CA ALA A 90 -10.91 -1.27 20.21
C ALA A 90 -10.76 -2.80 20.13
N VAL A 91 -11.82 -3.50 20.51
CA VAL A 91 -11.91 -4.95 20.32
C VAL A 91 -13.08 -5.18 19.40
N TYR A 92 -12.90 -6.09 18.45
CA TYR A 92 -13.91 -6.32 17.44
C TYR A 92 -14.45 -7.72 17.59
N TYR A 93 -15.77 -7.82 17.57
CA TYR A 93 -16.47 -9.08 17.76
C TYR A 93 -17.33 -9.42 16.56
N CYS A 94 -17.41 -10.70 16.23
CA CYS A 94 -18.33 -11.11 15.19
C CYS A 94 -19.54 -11.80 15.83
N LYS A 95 -20.70 -11.68 15.20
CA LYS A 95 -21.92 -12.31 15.71
C LYS A 95 -22.70 -12.97 14.58
N GLN A 96 -22.87 -14.28 14.70
CA GLN A 96 -23.77 -14.99 13.82
C GLN A 96 -25.19 -14.88 14.37
N SER A 97 -26.15 -14.77 13.47
CA SER A 97 -27.52 -14.41 13.79
C SER A 97 -28.45 -15.41 13.08
N TYR A 98 -27.84 -16.42 12.46
CA TYR A 98 -28.55 -17.39 11.65
C TYR A 98 -29.35 -18.31 12.55
N ASP A 99 -28.77 -18.56 13.72
CA ASP A 99 -29.33 -19.42 14.74
C ASP A 99 -29.47 -18.54 15.99
N LEU A 100 -29.39 -19.15 17.17
CA LEU A 100 -29.29 -18.40 18.42
C LEU A 100 -27.92 -17.69 18.41
N PRO A 101 -27.92 -16.34 18.41
CA PRO A 101 -26.71 -15.58 18.06
C PRO A 101 -25.59 -15.93 19.02
N THR A 102 -24.37 -15.99 18.51
CA THR A 102 -23.22 -16.19 19.38
C THR A 102 -22.12 -15.30 18.89
N PHE A 103 -21.29 -14.81 19.81
CA PHE A 103 -20.12 -14.01 19.45
C PHE A 103 -18.83 -14.78 19.46
N GLY A 104 -17.98 -14.48 18.50
CA GLY A 104 -16.56 -14.86 18.60
C GLY A 104 -15.95 -14.23 19.85
N ALA A 105 -14.77 -14.74 20.22
CA ALA A 105 -14.05 -14.29 21.40
C ALA A 105 -13.53 -12.87 21.19
N GLY A 106 -13.42 -12.43 19.94
CA GLY A 106 -12.98 -11.05 19.71
C GLY A 106 -11.51 -10.89 19.30
N THR A 107 -11.23 -9.81 18.60
CA THR A 107 -9.87 -9.45 18.24
C THR A 107 -9.58 -8.06 18.83
N LYS A 108 -8.67 -8.03 19.79
CA LYS A 108 -8.17 -6.78 20.33
C LYS A 108 -7.19 -6.23 19.29
N LEU A 109 -7.50 -5.06 18.77
CA LEU A 109 -6.60 -4.36 17.91
C LEU A 109 -5.96 -3.27 18.75
N GLU A 110 -4.66 -3.41 19.01
CA GLU A 110 -3.87 -2.45 19.80
C GLU A 110 -3.15 -1.62 18.78
N LEU A 111 -3.03 -0.33 19.05
CA LEU A 111 -2.21 0.55 18.23
C LEU A 111 -0.72 0.49 18.62
N LYS A 112 0.16 0.31 17.65
CA LYS A 112 1.60 0.47 17.87
C LYS A 112 1.88 1.91 17.54
N ARG A 113 2.93 2.45 18.13
CA ARG A 113 3.33 3.82 17.87
C ARG A 113 4.73 4.03 18.41
N SER A 114 5.25 5.24 18.29
CA SER A 114 6.66 5.45 18.64
C SER A 114 6.82 5.52 20.16
N VAL A 115 8.05 5.29 20.60
CA VAL A 115 8.36 5.38 22.00
C VAL A 115 8.18 6.81 22.47
N ALA A 116 7.49 6.95 23.59
CA ALA A 116 7.22 8.21 24.24
C ALA A 116 7.52 8.08 25.74
N ALA A 117 8.44 8.92 26.24
CA ALA A 117 8.77 9.03 27.66
C ALA A 117 7.58 9.57 28.47
N PRO A 118 7.45 9.08 29.69
CA PRO A 118 6.41 9.57 30.59
C PRO A 118 6.73 10.89 31.28
N SER A 119 5.72 11.74 31.44
CA SER A 119 5.93 12.87 32.31
C SER A 119 5.54 12.29 33.67
N VAL A 120 6.31 12.65 34.68
CA VAL A 120 6.15 12.07 36.00
C VAL A 120 5.75 13.11 37.02
N PHE A 121 4.59 12.87 37.63
CA PHE A 121 4.07 13.67 38.75
C PHE A 121 3.95 12.84 40.04
N ILE A 122 4.17 13.50 41.18
CA ILE A 122 4.08 12.87 42.51
C ILE A 122 3.08 13.64 43.37
N PHE A 123 2.36 12.93 44.24
CA PHE A 123 1.32 13.56 45.04
C PHE A 123 1.37 13.10 46.49
N PRO A 124 1.60 14.04 47.40
CA PRO A 124 1.69 13.71 48.81
C PRO A 124 0.30 13.35 49.29
N PRO A 125 0.18 12.72 50.47
CA PRO A 125 -1.14 12.38 51.01
C PRO A 125 -1.87 13.64 51.38
N SER A 126 -3.19 13.63 51.19
CA SER A 126 -4.01 14.78 51.53
C SER A 126 -4.18 14.85 53.02
N ASP A 127 -4.19 16.06 53.55
CA ASP A 127 -4.51 16.30 54.94
C ASP A 127 -5.76 15.57 55.38
N GLU A 128 -6.82 15.64 54.59
CA GLU A 128 -8.01 14.89 54.89
C GLU A 128 -7.75 13.40 55.13
N GLN A 129 -7.02 12.74 54.23
CA GLN A 129 -6.74 11.29 54.40
C GLN A 129 -5.89 10.99 55.65
N LEU A 130 -4.87 11.81 55.89
CA LEU A 130 -4.01 11.62 57.06
C LEU A 130 -4.80 11.64 58.39
N LYS A 131 -5.92 12.36 58.43
CA LYS A 131 -6.78 12.32 59.62
C LYS A 131 -7.56 11.02 59.77
N SER A 132 -7.15 9.99 59.04
CA SER A 132 -7.82 8.71 59.03
C SER A 132 -6.76 7.66 59.31
N GLY A 133 -5.56 8.15 59.62
CA GLY A 133 -4.45 7.30 60.01
C GLY A 133 -3.88 6.43 58.91
N THR A 134 -4.22 6.78 57.66
CA THR A 134 -3.67 6.13 56.47
C THR A 134 -2.93 7.15 55.59
N ALA A 135 -1.97 6.71 54.78
CA ALA A 135 -1.33 7.63 53.83
C ALA A 135 -1.07 7.03 52.44
N SER A 136 -1.70 7.63 51.44
CA SER A 136 -1.51 7.19 50.05
C SER A 136 -0.62 8.18 49.33
N VAL A 137 0.52 7.75 48.85
CA VAL A 137 1.34 8.67 48.11
C VAL A 137 1.20 8.18 46.69
N VAL A 138 1.00 9.12 45.76
CA VAL A 138 0.73 8.77 44.39
C VAL A 138 1.78 9.26 43.43
N CYS A 139 2.18 8.41 42.51
CA CYS A 139 3.12 8.76 41.48
C CYS A 139 2.41 8.49 40.17
N LEU A 140 2.39 9.52 39.30
CA LEU A 140 1.71 9.47 38.02
C LEU A 140 2.69 9.56 36.89
N LEU A 141 2.49 8.66 35.95
CA LEU A 141 3.28 8.54 34.74
C LEU A 141 2.36 8.89 33.61
N ASN A 142 2.48 10.10 33.09
CA ASN A 142 1.59 10.48 32.03
C ASN A 142 2.08 10.24 30.60
N ASN A 143 1.16 9.74 29.77
CA ASN A 143 1.24 9.67 28.30
C ASN A 143 2.55 9.15 27.80
N PHE A 144 2.67 7.83 27.82
CA PHE A 144 3.88 7.17 27.41
C PHE A 144 3.53 5.92 26.61
N TYR A 145 4.58 5.35 26.00
CA TYR A 145 4.52 4.10 25.26
C TYR A 145 5.96 3.58 25.22
N PRO A 146 6.15 2.26 25.36
CA PRO A 146 5.14 1.23 25.59
C PRO A 146 4.63 1.14 27.05
N ARG A 147 3.99 0.03 27.38
CA ARG A 147 2.95 -0.05 28.40
C ARG A 147 3.26 0.34 29.83
N GLU A 148 4.26 -0.15 30.57
CA GLU A 148 5.47 -0.88 30.25
C GLU A 148 6.59 -0.09 30.92
N ALA A 149 6.52 -0.05 32.25
CA ALA A 149 7.41 0.77 33.06
C ALA A 149 7.71 0.14 34.42
N LYS A 150 8.93 0.35 34.91
CA LYS A 150 9.27 0.05 36.29
C LYS A 150 9.08 1.29 37.18
N VAL A 151 8.27 1.16 38.25
CA VAL A 151 8.21 2.25 39.24
C VAL A 151 8.70 1.80 40.61
N GLN A 152 9.68 2.50 41.15
CA GLN A 152 10.30 2.11 42.39
C GLN A 152 10.17 3.25 43.38
N TRP A 153 9.68 2.95 44.58
CA TRP A 153 9.62 3.95 45.63
C TRP A 153 10.74 3.92 46.62
N LYS A 154 11.18 5.12 47.03
CA LYS A 154 12.21 5.24 48.04
C LYS A 154 11.72 6.17 49.11
N VAL A 155 11.76 5.72 50.36
CA VAL A 155 11.52 6.64 51.47
C VAL A 155 12.82 6.91 52.19
N ASP A 156 13.23 8.16 52.23
CA ASP A 156 14.48 8.50 52.85
C ASP A 156 15.57 7.56 52.32
N ASN A 157 15.61 7.44 51.00
CA ASN A 157 16.59 6.60 50.29
C ASN A 157 16.37 5.09 50.49
N ALA A 158 15.45 4.75 51.38
CA ALA A 158 15.14 3.36 51.65
C ALA A 158 14.14 2.83 50.64
N LEU A 159 14.63 1.93 49.79
CA LEU A 159 13.83 1.21 48.81
C LEU A 159 12.59 0.54 49.42
N GLN A 160 11.50 0.49 48.69
CA GLN A 160 10.29 -0.10 49.23
C GLN A 160 9.92 -1.35 48.45
N SER A 161 8.99 -2.12 49.00
CA SER A 161 8.50 -3.33 48.35
C SER A 161 7.18 -3.76 48.97
N GLY A 162 6.33 -4.37 48.17
CA GLY A 162 5.08 -4.92 48.66
C GLY A 162 4.09 -3.91 49.18
N ASN A 163 4.50 -2.64 49.19
CA ASN A 163 3.69 -1.54 49.76
C ASN A 163 3.05 -0.62 48.70
N SER A 164 3.15 -1.02 47.43
CA SER A 164 2.64 -0.22 46.29
C SER A 164 1.77 -1.06 45.38
N GLN A 165 0.80 -0.42 44.73
CA GLN A 165 0.07 -1.06 43.64
C GLN A 165 0.00 -0.11 42.47
N GLU A 166 0.01 -0.68 41.26
CA GLU A 166 0.00 0.09 40.01
C GLU A 166 -1.32 -0.12 39.29
N SER A 167 -1.81 0.92 38.61
CA SER A 167 -2.96 0.77 37.73
C SER A 167 -2.54 1.37 36.40
N VAL A 168 -2.77 0.64 35.31
CA VAL A 168 -2.44 1.16 33.98
C VAL A 168 -3.71 1.49 33.21
N THR A 169 -3.75 2.65 32.53
CA THR A 169 -4.93 2.95 31.70
C THR A 169 -4.97 2.07 30.46
N GLU A 170 -6.12 2.04 29.79
CA GLU A 170 -6.19 1.56 28.42
C GLU A 170 -5.46 2.58 27.57
N GLN A 171 -4.86 2.12 26.49
CA GLN A 171 -4.22 2.97 25.49
C GLN A 171 -5.11 4.14 25.01
N ASP A 172 -4.55 5.34 24.87
CA ASP A 172 -5.34 6.52 24.48
C ASP A 172 -5.87 6.44 23.05
N SER A 173 -7.11 6.87 22.91
CA SER A 173 -7.86 6.73 21.69
C SER A 173 -7.40 7.72 20.61
N LYS A 174 -6.69 8.77 21.01
CA LYS A 174 -6.29 9.80 20.05
C LYS A 174 -4.78 9.82 19.80
N ASP A 175 -3.97 9.49 20.79
CA ASP A 175 -2.53 9.46 20.56
C ASP A 175 -1.86 8.13 20.86
N SER A 176 -2.67 7.14 21.24
CA SER A 176 -2.22 5.77 21.56
C SER A 176 -1.29 5.60 22.77
N THR A 177 -1.35 6.50 23.74
CA THR A 177 -0.39 6.42 24.84
C THR A 177 -0.99 5.83 26.07
N TYR A 178 -0.13 5.41 26.98
CA TYR A 178 -0.61 4.95 28.26
C TYR A 178 -0.36 5.97 29.33
N SER A 179 -1.13 5.85 30.39
CA SER A 179 -0.81 6.49 31.63
C SER A 179 -0.84 5.42 32.72
N LEU A 180 -0.09 5.69 33.79
CA LEU A 180 0.06 4.77 34.92
C LEU A 180 0.04 5.53 36.24
N SER A 181 -0.61 4.95 37.25
CA SER A 181 -0.54 5.44 38.61
C SER A 181 0.17 4.40 39.45
N SER A 182 1.06 4.87 40.31
CA SER A 182 1.63 4.03 41.33
C SER A 182 1.16 4.63 42.65
N THR A 183 0.85 3.78 43.59
CA THR A 183 0.29 4.30 44.81
C THR A 183 1.02 3.59 45.90
N LEU A 184 1.63 4.36 46.76
CA LEU A 184 2.26 3.84 47.97
C LEU A 184 1.27 3.96 49.10
N THR A 185 1.08 2.89 49.84
CA THR A 185 0.19 2.95 50.98
C THR A 185 0.91 2.69 52.28
N LEU A 186 0.76 3.63 53.19
CA LEU A 186 1.38 3.60 54.48
C LEU A 186 0.34 3.91 55.53
N SER A 187 0.71 3.73 56.80
CA SER A 187 -0.09 4.25 57.88
C SER A 187 0.34 5.69 58.13
N LYS A 188 -0.57 6.47 58.73
CA LYS A 188 -0.24 7.83 59.13
C LYS A 188 1.08 7.80 59.90
N ALA A 189 1.22 6.75 60.72
CA ALA A 189 2.34 6.58 61.61
C ALA A 189 3.66 6.50 60.85
N ASP A 190 3.75 5.53 59.92
CA ASP A 190 4.99 5.25 59.18
C ASP A 190 5.32 6.45 58.34
N TYR A 191 4.26 7.11 57.87
CA TYR A 191 4.45 8.24 57.01
C TYR A 191 5.10 9.43 57.73
N GLU A 192 4.51 9.79 58.87
CA GLU A 192 4.93 10.98 59.61
C GLU A 192 6.33 10.83 60.17
N LYS A 193 6.79 9.59 60.31
CA LYS A 193 8.13 9.34 60.78
C LYS A 193 9.17 9.75 59.75
N HIS A 194 8.76 9.83 58.49
CA HIS A 194 9.72 10.06 57.42
C HIS A 194 9.48 11.34 56.70
N LYS A 195 10.53 11.86 56.06
CA LYS A 195 10.44 13.16 55.42
C LYS A 195 10.41 13.10 53.87
N VAL A 196 11.37 12.40 53.27
CA VAL A 196 11.51 12.37 51.81
C VAL A 196 10.85 11.15 51.14
N TYR A 197 10.02 11.45 50.17
CA TYR A 197 9.30 10.43 49.46
C TYR A 197 9.62 10.57 47.96
N ALA A 198 10.03 9.49 47.35
CA ALA A 198 10.44 9.53 45.97
C ALA A 198 9.88 8.35 45.17
N CYS A 199 9.39 8.61 43.97
CA CYS A 199 9.31 7.53 42.96
C CYS A 199 10.37 7.70 41.89
N GLU A 200 11.02 6.59 41.59
CA GLU A 200 12.00 6.51 40.56
C GLU A 200 11.42 5.69 39.43
N VAL A 201 11.44 6.24 38.23
CA VAL A 201 10.85 5.59 37.08
C VAL A 201 11.89 5.31 36.02
N THR A 202 11.96 4.04 35.62
CA THR A 202 12.76 3.64 34.46
C THR A 202 11.85 3.14 33.35
N HIS A 203 12.21 3.55 32.13
CA HIS A 203 11.37 3.32 30.97
C HIS A 203 12.20 3.35 29.74
N GLN A 204 11.79 2.56 28.75
CA GLN A 204 12.50 2.45 27.47
C GLN A 204 12.82 3.84 26.86
N GLY A 205 11.81 4.71 26.81
CA GLY A 205 11.95 6.08 26.31
C GLY A 205 12.64 7.08 27.22
N LEU A 206 13.57 6.59 28.04
CA LEU A 206 14.21 7.44 29.03
C LEU A 206 15.67 7.07 29.10
N SER A 207 16.54 8.05 28.93
CA SER A 207 17.96 7.77 28.91
C SER A 207 18.38 7.18 30.24
N SER A 208 17.99 7.83 31.33
CA SER A 208 18.33 7.35 32.69
C SER A 208 17.15 7.61 33.65
N PRO A 209 17.06 6.83 34.75
CA PRO A 209 15.83 6.86 35.53
C PRO A 209 15.47 8.26 35.99
N VAL A 210 14.19 8.54 36.01
CA VAL A 210 13.70 9.83 36.46
C VAL A 210 13.03 9.64 37.82
N THR A 211 13.36 10.51 38.76
CA THR A 211 12.83 10.46 40.09
C THR A 211 12.08 11.73 40.44
N LYS A 212 10.81 11.59 40.83
CA LYS A 212 10.08 12.71 41.44
C LYS A 212 9.88 12.49 42.94
N SER A 213 9.87 13.55 43.72
CA SER A 213 10.10 13.41 45.15
C SER A 213 9.67 14.64 45.92
N PHE A 214 9.17 14.44 47.14
CA PHE A 214 8.94 15.59 48.00
C PHE A 214 9.42 15.39 49.43
N GLN B 1 -34.21 10.55 18.58
CA GLN B 1 -33.45 9.30 18.28
C GLN B 1 -33.39 8.32 19.48
N VAL B 2 -33.26 7.03 19.14
CA VAL B 2 -33.38 5.96 20.10
C VAL B 2 -32.35 6.00 21.21
N GLN B 3 -32.83 5.74 22.41
CA GLN B 3 -31.94 5.57 23.49
C GLN B 3 -32.52 4.42 24.30
N LEU B 4 -31.63 3.64 24.92
CA LEU B 4 -31.99 2.57 25.88
C LEU B 4 -31.27 2.80 27.21
N LYS B 5 -32.00 2.62 28.30
CA LYS B 5 -31.50 2.88 29.65
C LYS B 5 -31.76 1.69 30.54
N GLU B 6 -30.70 1.03 30.99
CA GLU B 6 -30.82 -0.11 31.93
C GLU B 6 -30.80 0.38 33.39
N SER B 7 -31.47 -0.35 34.27
CA SER B 7 -31.40 -0.07 35.70
C SER B 7 -31.48 -1.35 36.52
N GLY B 8 -30.53 -1.49 37.43
CA GLY B 8 -30.44 -2.68 38.22
C GLY B 8 -29.50 -2.45 39.39
N PRO B 9 -29.39 -3.47 40.25
CA PRO B 9 -28.93 -3.29 41.62
C PRO B 9 -27.43 -2.91 41.77
N GLY B 10 -26.56 -3.39 40.88
CA GLY B 10 -25.14 -3.14 41.07
C GLY B 10 -24.45 -4.28 41.82
N LEU B 11 -25.04 -4.69 42.94
CA LEU B 11 -24.54 -5.82 43.74
C LEU B 11 -25.68 -6.75 44.05
N VAL B 12 -25.43 -8.06 44.00
CA VAL B 12 -26.42 -9.05 44.42
C VAL B 12 -25.75 -10.27 45.07
N ALA B 13 -26.45 -10.89 46.01
CA ALA B 13 -25.94 -12.09 46.71
C ALA B 13 -26.04 -13.34 45.84
N PRO B 14 -25.07 -14.28 45.98
CA PRO B 14 -25.18 -15.55 45.25
C PRO B 14 -26.48 -16.25 45.55
N SER B 15 -26.91 -17.03 44.58
CA SER B 15 -28.17 -17.79 44.59
C SER B 15 -29.43 -16.92 44.51
N GLN B 16 -29.34 -15.65 44.91
CA GLN B 16 -30.51 -14.76 44.77
C GLN B 16 -30.89 -14.45 43.31
N SER B 17 -31.90 -13.61 43.15
CA SER B 17 -32.46 -13.25 41.82
C SER B 17 -32.04 -11.86 41.37
N LEU B 18 -31.83 -11.75 40.06
CA LEU B 18 -31.44 -10.51 39.46
C LEU B 18 -32.59 -9.95 38.68
N SER B 19 -32.82 -8.64 38.84
CA SER B 19 -33.79 -7.93 38.00
C SER B 19 -33.17 -6.69 37.37
N ILE B 20 -33.18 -6.66 36.04
CA ILE B 20 -32.80 -5.45 35.33
C ILE B 20 -33.92 -5.04 34.41
N THR B 21 -34.20 -3.75 34.38
CA THR B 21 -35.12 -3.25 33.38
C THR B 21 -34.39 -2.32 32.42
N CYS B 22 -34.89 -2.31 31.20
CA CYS B 22 -34.42 -1.49 30.10
C CYS B 22 -35.61 -0.60 29.79
N THR B 23 -35.42 0.71 29.88
CA THR B 23 -36.47 1.63 29.53
C THR B 23 -36.03 2.22 28.21
N VAL B 24 -36.95 2.19 27.25
CA VAL B 24 -36.62 2.61 25.90
C VAL B 24 -37.47 3.75 25.44
N SER B 25 -36.86 4.66 24.68
CA SER B 25 -37.57 5.79 24.13
C SER B 25 -37.13 5.90 22.70
N GLY B 26 -37.96 6.53 21.88
CA GLY B 26 -37.61 6.76 20.49
C GLY B 26 -37.94 5.64 19.53
N PHE B 27 -38.57 4.60 20.02
CA PHE B 27 -39.12 3.58 19.17
C PHE B 27 -40.12 2.77 19.97
N SER B 28 -40.97 2.04 19.26
CA SER B 28 -42.01 1.27 19.91
C SER B 28 -41.64 -0.19 19.88
N LEU B 29 -41.90 -0.86 21.01
CA LEU B 29 -41.54 -2.26 21.18
C LEU B 29 -42.42 -3.24 20.44
N THR B 30 -43.59 -2.79 19.97
CA THR B 30 -44.36 -3.64 19.07
C THR B 30 -43.59 -3.71 17.76
N ASP B 31 -42.78 -2.69 17.47
CA ASP B 31 -42.11 -2.65 16.18
C ASP B 31 -40.74 -3.31 16.22
N TYR B 32 -40.09 -3.27 17.37
CA TYR B 32 -38.73 -3.79 17.52
C TYR B 32 -38.51 -4.88 18.58
N GLY B 33 -37.52 -5.72 18.32
CA GLY B 33 -37.09 -6.71 19.28
C GLY B 33 -36.03 -6.07 20.14
N VAL B 34 -36.09 -6.39 21.42
CA VAL B 34 -35.01 -6.06 22.32
C VAL B 34 -34.36 -7.33 22.85
N SER B 35 -33.04 -7.38 22.69
CA SER B 35 -32.23 -8.50 23.10
C SER B 35 -31.30 -8.08 24.24
N TRP B 36 -30.80 -9.07 24.96
CA TRP B 36 -29.93 -8.87 26.10
C TRP B 36 -28.61 -9.53 25.91
N ILE B 37 -27.54 -8.79 26.19
CA ILE B 37 -26.18 -9.30 26.06
C ILE B 37 -25.44 -8.95 27.34
N ARG B 38 -24.62 -9.87 27.80
CA ARG B 38 -23.83 -9.60 29.00
C ARG B 38 -22.36 -9.67 28.67
N GLN B 39 -21.53 -9.05 29.48
CA GLN B 39 -20.08 -9.14 29.28
C GLN B 39 -19.42 -9.22 30.62
N PRO B 40 -18.88 -10.40 30.97
CA PRO B 40 -18.13 -10.55 32.21
C PRO B 40 -16.77 -9.85 32.05
N PRO B 41 -16.21 -9.30 33.15
CA PRO B 41 -15.00 -8.46 33.10
C PRO B 41 -13.84 -9.24 32.51
N GLY B 42 -13.11 -8.59 31.61
CA GLY B 42 -12.03 -9.23 30.86
C GLY B 42 -12.43 -10.29 29.86
N LYS B 43 -13.73 -10.61 29.77
CA LYS B 43 -14.20 -11.61 28.80
C LYS B 43 -14.96 -11.00 27.62
N GLY B 44 -15.40 -11.85 26.70
CA GLY B 44 -16.09 -11.36 25.51
C GLY B 44 -17.56 -11.13 25.75
N LEU B 45 -18.32 -11.06 24.65
CA LEU B 45 -19.77 -10.82 24.69
C LEU B 45 -20.58 -12.12 24.66
N GLU B 46 -21.63 -12.19 25.45
CA GLU B 46 -22.48 -13.37 25.43
C GLU B 46 -23.89 -12.95 25.29
N TRP B 47 -24.60 -13.60 24.40
CA TRP B 47 -25.98 -13.24 24.09
C TRP B 47 -26.89 -13.98 24.98
N LEU B 48 -27.73 -13.25 25.69
CA LEU B 48 -28.57 -13.87 26.69
C LEU B 48 -29.93 -14.29 26.17
N GLY B 49 -30.51 -13.46 25.31
CA GLY B 49 -31.89 -13.67 24.92
C GLY B 49 -32.40 -12.51 24.11
N VAL B 50 -33.64 -12.62 23.66
CA VAL B 50 -34.30 -11.56 22.93
C VAL B 50 -35.81 -11.76 23.11
N ILE B 51 -36.52 -10.66 23.03
CA ILE B 51 -37.97 -10.67 22.97
C ILE B 51 -38.37 -9.87 21.74
N TRP B 52 -39.15 -10.48 20.85
CA TRP B 52 -39.59 -9.85 19.60
C TRP B 52 -40.80 -9.02 19.82
N GLY B 53 -41.33 -8.42 18.74
CA GLY B 53 -42.49 -7.51 18.79
C GLY B 53 -43.67 -8.07 19.56
N GLY B 54 -44.36 -9.02 18.95
CA GLY B 54 -45.23 -9.90 19.70
C GLY B 54 -44.27 -10.96 20.21
N GLY B 55 -43.63 -10.67 21.35
CA GLY B 55 -42.59 -11.54 21.88
C GLY B 55 -43.15 -12.52 22.89
N SER B 56 -43.12 -13.83 22.63
CA SER B 56 -42.18 -14.56 21.74
C SER B 56 -40.73 -14.26 22.12
N THR B 57 -40.20 -15.16 22.92
CA THR B 57 -38.92 -14.98 23.54
C THR B 57 -38.03 -16.15 23.21
N TYR B 58 -36.78 -15.85 22.96
CA TYR B 58 -35.78 -16.86 22.75
C TYR B 58 -34.67 -16.64 23.74
N TYR B 59 -34.03 -17.73 24.15
CA TYR B 59 -32.98 -17.66 25.13
C TYR B 59 -31.66 -18.21 24.64
N ASN B 60 -30.63 -18.07 25.47
CA ASN B 60 -29.33 -18.69 25.23
C ASN B 60 -29.39 -20.10 25.78
N SER B 61 -29.15 -21.08 24.91
CA SER B 61 -29.29 -22.50 25.26
C SER B 61 -28.80 -22.77 26.67
N ALA B 62 -27.51 -22.48 26.91
CA ALA B 62 -26.84 -22.75 28.19
C ALA B 62 -27.58 -22.20 29.41
N LEU B 63 -28.15 -21.00 29.29
CA LEU B 63 -28.75 -20.34 30.45
C LEU B 63 -30.27 -20.35 30.47
N LYS B 64 -30.86 -20.78 29.36
CA LYS B 64 -32.32 -20.83 29.10
C LYS B 64 -33.20 -21.04 30.34
N SER B 65 -32.79 -21.98 31.19
CA SER B 65 -33.59 -22.38 32.34
C SER B 65 -33.53 -21.40 33.51
N ARG B 66 -32.45 -20.63 33.59
CA ARG B 66 -32.28 -19.69 34.70
C ARG B 66 -32.90 -18.31 34.45
N LEU B 67 -33.49 -18.16 33.28
CA LEU B 67 -33.63 -16.87 32.63
C LEU B 67 -35.04 -16.64 32.20
N SER B 68 -35.54 -15.44 32.45
CA SER B 68 -36.81 -15.08 31.84
C SER B 68 -36.73 -13.67 31.31
N ILE B 69 -37.15 -13.50 30.06
CA ILE B 69 -37.31 -12.17 29.51
C ILE B 69 -38.78 -11.89 29.27
N SER B 70 -39.23 -10.75 29.77
CA SER B 70 -40.55 -10.24 29.50
C SER B 70 -40.45 -8.73 29.24
N LYS B 71 -41.60 -8.14 28.92
CA LYS B 71 -41.63 -6.77 28.50
C LYS B 71 -42.93 -6.15 28.95
N ASP B 72 -43.02 -4.83 28.80
CA ASP B 72 -44.28 -4.15 28.94
C ASP B 72 -44.34 -2.99 27.96
N ASN B 73 -45.10 -3.20 26.89
CA ASN B 73 -45.18 -2.24 25.80
C ASN B 73 -45.66 -0.90 26.28
N SER B 74 -46.75 -0.97 27.03
CA SER B 74 -47.37 0.17 27.67
C SER B 74 -46.28 0.98 28.40
N LYS B 75 -45.59 0.35 29.37
CA LYS B 75 -44.55 1.06 30.14
C LYS B 75 -43.19 1.28 29.38
N SER B 76 -43.09 0.77 28.13
CA SER B 76 -41.87 0.96 27.28
C SER B 76 -40.67 0.27 27.91
N GLN B 77 -40.93 -0.90 28.49
CA GLN B 77 -39.98 -1.57 29.33
C GLN B 77 -39.83 -3.04 29.02
N VAL B 78 -38.57 -3.49 29.13
CA VAL B 78 -38.18 -4.89 29.03
C VAL B 78 -37.49 -5.32 30.33
N PHE B 79 -37.79 -6.54 30.74
CA PHE B 79 -37.23 -7.04 31.97
C PHE B 79 -36.37 -8.23 31.67
N LEU B 80 -35.25 -8.30 32.37
CA LEU B 80 -34.45 -9.48 32.42
C LEU B 80 -34.47 -9.96 33.87
N LYS B 81 -34.88 -11.22 34.06
CA LYS B 81 -34.82 -11.85 35.38
C LYS B 81 -33.95 -13.09 35.28
N MET B 82 -33.04 -13.23 36.24
CA MET B 82 -32.11 -14.34 36.29
C MET B 82 -32.03 -14.83 37.71
N ASN B 83 -32.02 -16.14 37.94
CA ASN B 83 -31.96 -16.66 39.32
C ASN B 83 -30.77 -17.56 39.59
N SER B 84 -30.62 -17.94 40.87
CA SER B 84 -29.43 -18.65 41.36
C SER B 84 -28.13 -18.10 40.77
N LEU B 85 -27.90 -16.83 40.99
CA LEU B 85 -26.69 -16.19 40.49
C LEU B 85 -25.47 -16.74 41.16
N GLN B 86 -24.46 -17.07 40.38
CA GLN B 86 -23.14 -17.41 40.94
C GLN B 86 -22.20 -16.28 40.62
N THR B 87 -20.96 -16.35 41.09
CA THR B 87 -19.99 -15.26 40.84
C THR B 87 -19.60 -15.17 39.38
N ASP B 88 -19.79 -16.27 38.66
CA ASP B 88 -19.66 -16.33 37.20
C ASP B 88 -20.60 -15.35 36.50
N ASP B 89 -21.77 -15.12 37.06
CA ASP B 89 -22.72 -14.24 36.46
C ASP B 89 -22.39 -12.74 36.58
N THR B 90 -21.17 -12.43 37.06
CA THR B 90 -20.75 -11.05 37.24
C THR B 90 -20.41 -10.46 35.87
N ALA B 91 -21.18 -9.44 35.46
CA ALA B 91 -21.09 -8.93 34.09
C ALA B 91 -21.56 -7.52 33.99
N MET B 92 -21.20 -6.86 32.90
CA MET B 92 -21.92 -5.70 32.44
C MET B 92 -23.12 -6.22 31.65
N TYR B 93 -24.32 -5.77 31.95
CA TYR B 93 -25.51 -6.24 31.24
C TYR B 93 -26.05 -5.16 30.32
N TYR B 94 -26.19 -5.50 29.04
CA TYR B 94 -26.74 -4.55 28.09
C TYR B 94 -28.07 -5.05 27.54
N CYS B 95 -28.89 -4.08 27.10
CA CYS B 95 -30.07 -4.35 26.27
C CYS B 95 -29.83 -3.68 24.92
N ALA B 96 -30.49 -4.18 23.87
CA ALA B 96 -30.23 -3.68 22.53
C ALA B 96 -31.43 -3.83 21.61
N LYS B 97 -31.58 -2.87 20.69
CA LYS B 97 -32.61 -2.90 19.66
C LYS B 97 -32.26 -3.90 18.57
N PRO B 103 -29.82 -3.83 9.60
CA PRO B 103 -29.91 -2.38 9.81
C PRO B 103 -29.82 -1.99 11.29
N GLY B 104 -30.32 -2.85 12.18
CA GLY B 104 -30.30 -2.63 13.65
C GLY B 104 -30.51 -1.17 14.07
N ASP B 105 -29.94 -0.69 15.19
CA ASP B 105 -29.30 -1.47 16.26
C ASP B 105 -28.42 -0.58 17.16
N SER B 106 -28.98 -0.13 18.28
CA SER B 106 -28.27 0.67 19.29
C SER B 106 -28.40 0.02 20.66
N TRP B 107 -27.34 0.14 21.48
CA TRP B 107 -27.26 -0.45 22.82
C TRP B 107 -27.46 0.54 23.90
N GLY B 108 -28.00 0.12 25.04
CA GLY B 108 -27.87 0.88 26.28
C GLY B 108 -26.43 1.08 26.77
N GLN B 109 -26.29 1.96 27.76
CA GLN B 109 -25.00 2.26 28.39
C GLN B 109 -24.51 0.97 28.98
N GLY B 110 -25.41 0.20 29.57
CA GLY B 110 -25.09 -1.04 30.32
C GLY B 110 -25.16 -0.82 31.81
N THR B 111 -25.44 -1.89 32.57
CA THR B 111 -25.36 -1.84 34.03
C THR B 111 -24.42 -2.89 34.57
N SER B 112 -23.48 -2.45 35.39
CA SER B 112 -22.49 -3.33 35.98
C SER B 112 -23.19 -4.12 37.04
N VAL B 113 -22.99 -5.43 37.04
CA VAL B 113 -23.64 -6.26 38.05
C VAL B 113 -22.67 -7.26 38.70
N THR B 114 -22.48 -7.11 40.01
CA THR B 114 -21.51 -7.92 40.76
C THR B 114 -22.26 -8.82 41.68
N VAL B 115 -21.96 -10.10 41.58
CA VAL B 115 -22.52 -11.10 42.45
C VAL B 115 -21.51 -11.41 43.54
N SER B 116 -21.77 -10.87 44.73
CA SER B 116 -20.98 -11.24 45.89
C SER B 116 -21.85 -11.15 47.13
N SER B 117 -21.51 -12.02 48.09
CA SER B 117 -22.12 -12.10 49.41
C SER B 117 -21.75 -10.95 50.36
N ALA B 118 -20.72 -10.19 50.01
CA ALA B 118 -20.21 -9.09 50.80
C ALA B 118 -21.21 -7.94 50.68
N SER B 119 -21.08 -6.89 51.50
CA SER B 119 -22.05 -5.78 51.44
C SER B 119 -21.50 -4.49 50.82
N THR B 120 -22.37 -3.53 50.58
CA THR B 120 -21.96 -2.36 49.80
C THR B 120 -21.12 -1.45 50.67
N LYS B 121 -20.15 -0.79 50.06
CA LYS B 121 -19.41 0.24 50.75
C LYS B 121 -19.15 1.39 49.80
N GLY B 122 -19.53 2.59 50.22
CA GLY B 122 -19.20 3.79 49.48
C GLY B 122 -17.72 4.18 49.59
N PRO B 123 -17.25 4.97 48.62
CA PRO B 123 -15.85 5.37 48.52
C PRO B 123 -15.52 6.57 49.39
N SER B 124 -14.28 6.65 49.87
CA SER B 124 -13.74 7.92 50.38
C SER B 124 -12.99 8.62 49.26
N VAL B 125 -13.17 9.92 49.16
CA VAL B 125 -12.53 10.69 48.13
C VAL B 125 -11.53 11.70 48.68
N PHE B 126 -10.27 11.55 48.29
CA PHE B 126 -9.21 12.46 48.75
C PHE B 126 -8.58 13.14 47.56
N PRO B 127 -8.30 14.44 47.67
CA PRO B 127 -7.74 15.19 46.56
C PRO B 127 -6.25 14.96 46.38
N LEU B 128 -5.85 14.76 45.13
CA LEU B 128 -4.45 14.72 44.74
C LEU B 128 -4.07 16.13 44.33
N ALA B 129 -3.48 16.89 45.24
CA ALA B 129 -3.21 18.31 45.02
C ALA B 129 -1.94 18.63 44.19
N PRO B 130 -2.01 19.67 43.34
CA PRO B 130 -0.91 20.01 42.43
C PRO B 130 0.21 20.80 43.08
N SER B 131 1.42 20.68 42.57
CA SER B 131 2.59 21.36 43.15
C SER B 131 3.61 21.66 42.06
N SER B 132 4.81 22.06 42.50
CA SER B 132 5.97 22.25 41.63
C SER B 132 6.48 20.93 41.07
N GLY B 137 6.44 20.62 34.38
CA GLY B 137 7.17 21.69 33.71
C GLY B 137 6.36 22.21 32.55
N GLY B 138 5.77 23.40 32.72
CA GLY B 138 4.90 24.00 31.71
C GLY B 138 3.46 23.55 31.84
N THR B 139 3.28 22.32 32.33
CA THR B 139 1.96 21.79 32.69
C THR B 139 2.01 21.08 34.05
N ALA B 140 0.84 20.93 34.69
CA ALA B 140 0.73 20.32 36.00
C ALA B 140 -0.43 19.34 36.09
N ALA B 141 -0.26 18.27 36.86
CA ALA B 141 -1.38 17.36 37.12
C ALA B 141 -2.03 17.60 38.47
N LEU B 142 -3.30 17.23 38.55
CA LEU B 142 -4.03 17.15 39.79
C LEU B 142 -5.06 16.06 39.61
N GLY B 143 -5.79 15.75 40.67
CA GLY B 143 -6.65 14.58 40.67
C GLY B 143 -7.38 14.35 41.96
N CYS B 144 -8.10 13.24 42.00
CA CYS B 144 -8.84 12.81 43.19
C CYS B 144 -8.55 11.33 43.39
N LEU B 145 -8.47 10.93 44.65
CA LEU B 145 -8.27 9.54 44.98
C LEU B 145 -9.56 8.91 45.50
N VAL B 146 -10.05 7.86 44.84
CA VAL B 146 -11.30 7.24 45.25
C VAL B 146 -11.00 5.91 45.94
N LYS B 147 -11.00 5.91 47.26
CA LYS B 147 -10.38 4.80 48.04
C LYS B 147 -11.43 3.89 48.68
N ASP B 148 -11.14 2.59 48.73
CA ASP B 148 -11.97 1.54 49.34
C ASP B 148 -13.47 1.63 49.16
N TYR B 149 -13.97 1.09 48.07
CA TYR B 149 -15.40 1.00 47.84
C TYR B 149 -15.67 -0.32 47.17
N PHE B 150 -16.93 -0.65 47.04
CA PHE B 150 -17.34 -1.95 46.54
C PHE B 150 -18.88 -1.95 46.41
N PRO B 151 -19.40 -2.54 45.30
CA PRO B 151 -18.62 -3.07 44.16
C PRO B 151 -18.33 -2.00 43.10
N GLU B 152 -17.86 -2.44 41.93
CA GLU B 152 -17.82 -1.63 40.73
C GLU B 152 -19.23 -1.18 40.32
N PRO B 153 -19.35 0.03 39.71
CA PRO B 153 -18.22 0.90 39.43
C PRO B 153 -18.35 2.35 39.94
N VAL B 154 -17.46 3.19 39.40
CA VAL B 154 -17.41 4.65 39.48
C VAL B 154 -16.63 4.94 38.16
N THR B 155 -16.95 5.91 37.31
CA THR B 155 -17.90 7.05 37.36
C THR B 155 -17.38 8.23 38.12
N VAL B 156 -16.37 8.81 37.51
CA VAL B 156 -15.77 10.02 37.96
C VAL B 156 -15.76 11.02 36.81
N SER B 157 -16.11 12.26 37.14
CA SER B 157 -15.95 13.37 36.20
C SER B 157 -15.47 14.64 36.90
N TRP B 158 -15.20 15.64 36.06
CA TRP B 158 -14.58 16.89 36.46
C TRP B 158 -15.42 18.05 36.02
N ASN B 159 -15.75 18.90 36.98
CA ASN B 159 -16.66 20.04 36.77
C ASN B 159 -17.96 19.57 36.15
N SER B 160 -18.55 18.56 36.79
CA SER B 160 -19.82 17.98 36.33
C SER B 160 -19.97 17.92 34.81
N GLY B 161 -18.92 17.46 34.12
CA GLY B 161 -18.97 17.28 32.67
C GLY B 161 -17.89 18.14 32.04
N ALA B 162 -18.12 19.46 32.05
CA ALA B 162 -17.24 20.51 31.50
C ALA B 162 -15.79 20.13 31.13
N LEU B 163 -15.06 19.50 32.06
CA LEU B 163 -13.69 19.04 31.79
C LEU B 163 -13.63 17.57 31.37
N THR B 164 -13.08 17.31 30.19
CA THR B 164 -12.99 15.95 29.65
C THR B 164 -11.66 15.68 28.93
N SER B 165 -10.88 16.71 28.63
CA SER B 165 -9.59 16.46 28.00
C SER B 165 -8.47 16.60 29.02
N GLY B 166 -7.42 15.79 28.84
CA GLY B 166 -6.31 15.70 29.80
C GLY B 166 -6.66 14.76 30.94
N VAL B 167 -7.94 14.42 31.03
CA VAL B 167 -8.45 13.57 32.08
C VAL B 167 -8.09 12.12 31.85
N HIS B 168 -7.54 11.47 32.87
CA HIS B 168 -7.42 10.01 32.91
C HIS B 168 -8.08 9.45 34.13
N THR B 169 -8.85 8.40 33.95
CA THR B 169 -9.47 7.71 35.07
C THR B 169 -9.05 6.25 35.06
N PHE B 170 -8.31 5.85 36.09
CA PHE B 170 -7.67 4.55 36.06
C PHE B 170 -8.63 3.47 36.39
N PRO B 171 -8.37 2.28 35.84
CA PRO B 171 -9.16 1.12 36.22
C PRO B 171 -9.05 0.83 37.74
N ALA B 172 -10.18 0.46 38.35
CA ALA B 172 -10.22 0.09 39.75
C ALA B 172 -9.24 -1.03 40.03
N VAL B 173 -8.49 -0.88 41.10
CA VAL B 173 -7.62 -1.92 41.60
C VAL B 173 -8.14 -2.41 42.97
N LEU B 174 -7.95 -3.71 43.22
CA LEU B 174 -8.24 -4.32 44.52
C LEU B 174 -7.21 -4.02 45.57
N GLN B 175 -7.67 -3.49 46.69
CA GLN B 175 -6.88 -3.34 47.91
C GLN B 175 -6.76 -4.69 48.61
N SER B 176 -5.74 -4.88 49.45
CA SER B 176 -5.69 -6.12 50.22
C SER B 176 -6.97 -6.28 51.07
N SER B 177 -7.56 -5.17 51.51
CA SER B 177 -8.89 -5.21 52.14
C SER B 177 -9.96 -5.86 51.25
N GLY B 178 -9.68 -6.05 49.97
CA GLY B 178 -10.66 -6.64 49.05
C GLY B 178 -11.64 -5.58 48.57
N LEU B 179 -11.27 -4.31 48.76
CA LEU B 179 -12.11 -3.23 48.30
C LEU B 179 -11.36 -2.60 47.17
N TYR B 180 -12.08 -1.81 46.36
CA TYR B 180 -11.51 -1.27 45.16
C TYR B 180 -11.13 0.13 45.49
N SER B 181 -10.19 0.62 44.70
CA SER B 181 -9.79 2.00 44.73
C SER B 181 -9.27 2.39 43.34
N LEU B 182 -9.35 3.65 43.01
CA LEU B 182 -8.76 4.18 41.79
C LEU B 182 -8.43 5.64 41.96
N SER B 183 -7.70 6.17 41.00
CA SER B 183 -7.49 7.60 40.96
C SER B 183 -7.89 8.13 39.61
N SER B 184 -8.33 9.38 39.62
CA SER B 184 -8.69 10.11 38.43
C SER B 184 -7.84 11.35 38.43
N VAL B 185 -6.95 11.46 37.44
CA VAL B 185 -6.12 12.63 37.28
C VAL B 185 -6.48 13.39 36.02
N VAL B 186 -6.32 14.72 36.09
CA VAL B 186 -6.43 15.57 34.91
C VAL B 186 -5.15 16.38 34.79
N THR B 187 -4.66 16.55 33.56
CA THR B 187 -3.56 17.49 33.33
C THR B 187 -4.08 18.86 32.87
N VAL B 188 -3.40 19.90 33.32
CA VAL B 188 -3.77 21.30 33.04
C VAL B 188 -2.45 22.09 32.90
N PRO B 189 -2.52 23.37 32.50
CA PRO B 189 -1.28 24.14 32.52
C PRO B 189 -1.06 24.83 33.87
N SER B 190 0.18 24.92 34.32
CA SER B 190 0.46 25.50 35.65
C SER B 190 -0.09 26.92 35.78
N SER B 191 -0.01 27.67 34.67
CA SER B 191 -0.57 29.02 34.56
C SER B 191 -1.98 29.12 35.13
N SER B 192 -2.84 28.21 34.68
CA SER B 192 -4.25 28.19 35.04
C SER B 192 -4.55 27.86 36.50
N LEU B 193 -3.56 27.34 37.23
CA LEU B 193 -3.78 26.85 38.60
C LEU B 193 -4.47 27.82 39.61
N GLY B 194 -4.03 29.08 39.62
CA GLY B 194 -4.61 30.12 40.49
C GLY B 194 -6.02 30.55 40.13
N THR B 195 -6.22 30.92 38.88
CA THR B 195 -7.50 31.44 38.42
C THR B 195 -8.56 30.34 38.19
N GLN B 196 -8.13 29.15 37.73
CA GLN B 196 -9.04 28.02 37.43
C GLN B 196 -9.32 27.18 38.65
N THR B 197 -10.57 26.78 38.83
CA THR B 197 -10.90 25.95 39.98
C THR B 197 -11.40 24.57 39.56
N TYR B 198 -10.88 23.52 40.20
CA TYR B 198 -11.15 22.15 39.77
C TYR B 198 -11.86 21.27 40.80
N ILE B 199 -13.05 20.79 40.47
CA ILE B 199 -13.82 19.91 41.35
C ILE B 199 -14.15 18.56 40.68
N CYS B 200 -13.92 17.46 41.39
CA CYS B 200 -14.24 16.14 40.82
C CYS B 200 -15.51 15.59 41.43
N ASN B 201 -16.39 15.14 40.56
CA ASN B 201 -17.67 14.63 41.01
C ASN B 201 -17.69 13.12 40.85
N VAL B 202 -17.78 12.46 42.01
CA VAL B 202 -17.63 11.01 42.12
C VAL B 202 -18.94 10.38 42.57
N ASN B 203 -19.44 9.51 41.70
CA ASN B 203 -20.67 8.80 42.00
C ASN B 203 -20.44 7.28 42.18
N HIS B 204 -21.11 6.70 43.17
CA HIS B 204 -21.08 5.26 43.38
C HIS B 204 -22.47 4.77 43.56
N LYS B 205 -23.16 4.57 42.43
CA LYS B 205 -24.56 4.13 42.36
C LYS B 205 -24.96 3.15 43.47
N PRO B 206 -24.20 2.02 43.62
CA PRO B 206 -24.66 0.92 44.49
C PRO B 206 -24.78 1.28 45.96
N SER B 207 -24.06 2.30 46.40
CA SER B 207 -24.18 2.72 47.78
C SER B 207 -24.92 4.04 47.95
N ASN B 208 -25.51 4.55 46.85
CA ASN B 208 -26.16 5.87 46.79
C ASN B 208 -25.25 7.05 47.21
N THR B 209 -23.95 6.94 46.98
CA THR B 209 -22.99 8.00 47.34
C THR B 209 -22.67 8.94 46.17
N LYS B 210 -22.83 10.24 46.43
CA LYS B 210 -22.43 11.27 45.49
C LYS B 210 -21.53 12.22 46.27
N VAL B 211 -20.37 12.49 45.70
CA VAL B 211 -19.34 13.25 46.38
C VAL B 211 -18.79 14.24 45.39
N ASP B 212 -18.55 15.48 45.83
CA ASP B 212 -17.80 16.47 45.07
C ASP B 212 -16.68 17.03 45.92
N LYS B 213 -15.51 17.19 45.30
CA LYS B 213 -14.33 17.62 46.03
C LYS B 213 -13.55 18.73 45.37
N LYS B 214 -13.54 19.86 46.07
CA LYS B 214 -12.67 20.98 45.83
C LYS B 214 -11.20 20.53 45.85
N VAL B 215 -10.53 20.62 44.71
CA VAL B 215 -9.10 20.24 44.61
C VAL B 215 -8.19 21.48 44.57
N GLU B 216 -7.67 21.90 45.72
CA GLU B 216 -6.87 23.14 45.86
C GLU B 216 -5.36 22.87 45.89
N PRO B 217 -4.55 23.76 45.26
CA PRO B 217 -3.09 23.66 45.39
C PRO B 217 -2.57 23.98 46.80
N ASP C 1 -5.00 30.90 0.45
CA ASP C 1 -4.20 29.83 -0.21
C ASP C 1 -5.03 29.21 -1.33
N ILE C 2 -4.37 28.91 -2.45
CA ILE C 2 -5.04 28.16 -3.53
C ILE C 2 -4.86 26.65 -3.52
N VAL C 3 -5.92 25.99 -3.94
CA VAL C 3 -6.03 24.57 -3.79
C VAL C 3 -5.68 23.89 -5.11
N MET C 4 -4.72 22.96 -5.05
CA MET C 4 -4.30 22.20 -6.21
C MET C 4 -4.86 20.81 -6.11
N SER C 5 -5.92 20.49 -6.85
CA SER C 5 -6.50 19.13 -6.82
C SER C 5 -5.88 18.22 -7.89
N GLN C 6 -5.06 17.28 -7.43
CA GLN C 6 -4.34 16.34 -8.28
C GLN C 6 -5.10 15.03 -8.44
N SER C 7 -5.16 14.52 -9.67
CA SER C 7 -5.97 13.33 -9.96
C SER C 7 -5.38 12.46 -11.10
N PRO C 8 -5.47 11.12 -10.99
CA PRO C 8 -5.96 10.35 -9.83
C PRO C 8 -4.85 10.28 -8.80
N SER C 9 -5.17 9.73 -7.63
CA SER C 9 -4.19 9.58 -6.56
C SER C 9 -3.06 8.62 -6.94
N SER C 10 -3.41 7.58 -7.70
CA SER C 10 -2.48 6.52 -8.09
C SER C 10 -2.86 5.91 -9.41
N LEU C 11 -1.86 5.32 -10.06
CA LEU C 11 -2.03 4.78 -11.38
C LEU C 11 -1.06 3.64 -11.52
N ALA C 12 -1.60 2.52 -12.00
CA ALA C 12 -0.81 1.33 -12.13
C ALA C 12 -0.79 1.01 -13.58
N VAL C 13 0.39 1.02 -14.14
CA VAL C 13 0.50 1.00 -15.57
C VAL C 13 1.67 0.13 -16.06
N SER C 14 1.47 -0.58 -17.17
CA SER C 14 2.51 -1.47 -17.75
C SER C 14 3.51 -0.59 -18.44
N ALA C 15 4.78 -1.00 -18.44
CA ALA C 15 5.78 -0.24 -19.16
C ALA C 15 5.39 -0.06 -20.63
N GLY C 16 5.62 1.15 -21.14
CA GLY C 16 5.22 1.45 -22.48
C GLY C 16 3.85 2.07 -22.67
N GLU C 17 2.96 2.00 -21.69
CA GLU C 17 1.68 2.70 -21.78
C GLU C 17 1.94 4.19 -21.73
N LYS C 18 0.93 4.96 -22.13
CA LYS C 18 0.96 6.40 -21.97
C LYS C 18 0.05 6.69 -20.80
N VAL C 19 0.49 7.52 -19.85
CA VAL C 19 -0.38 8.06 -18.80
C VAL C 19 -0.49 9.57 -18.78
N THR C 20 -1.63 10.03 -18.33
CA THR C 20 -1.88 11.43 -18.23
C THR C 20 -2.48 11.71 -16.85
N MET C 21 -2.01 12.74 -16.19
CA MET C 21 -2.56 13.09 -14.90
C MET C 21 -2.95 14.54 -14.85
N SER C 22 -4.04 14.81 -14.13
CA SER C 22 -4.58 16.14 -14.07
C SER C 22 -4.25 16.86 -12.77
N CYS C 23 -4.33 18.18 -12.85
CA CYS C 23 -4.11 19.06 -11.71
C CYS C 23 -4.92 20.33 -11.97
N LYS C 24 -5.88 20.59 -11.08
CA LYS C 24 -6.77 21.75 -11.18
C LYS C 24 -6.50 22.67 -10.01
N SER C 25 -6.63 23.98 -10.25
CA SER C 25 -6.10 24.96 -9.32
C SER C 25 -7.08 25.91 -8.60
N SER C 26 -8.39 25.73 -8.79
CA SER C 26 -9.40 26.59 -8.11
C SER C 26 -9.40 28.06 -8.56
N GLN C 27 -8.19 28.61 -8.79
CA GLN C 27 -7.96 29.93 -9.43
C GLN C 27 -7.02 29.86 -10.63
N SER C 28 -7.16 30.79 -11.56
CA SER C 28 -6.23 30.87 -12.68
C SER C 28 -4.78 31.12 -12.25
N LEU C 29 -3.86 30.54 -12.99
CA LEU C 29 -2.46 30.68 -12.63
C LEU C 29 -1.70 31.44 -13.70
N LEU C 30 -2.44 31.93 -14.70
CA LEU C 30 -1.88 32.72 -15.79
C LEU C 30 -1.57 34.17 -15.37
N ASN C 31 -0.29 34.53 -15.36
CA ASN C 31 0.09 35.90 -15.11
C ASN C 31 -0.11 36.71 -16.37
N SER C 32 -0.98 37.71 -16.26
CA SER C 32 -1.27 38.60 -17.37
C SER C 32 -0.02 39.31 -17.85
N ARG C 33 0.82 39.72 -16.92
CA ARG C 33 1.96 40.55 -17.25
C ARG C 33 3.02 39.77 -18.01
N THR C 34 3.22 38.52 -17.62
CA THR C 34 4.29 37.73 -18.23
C THR C 34 3.82 36.65 -19.18
N ARG C 35 2.51 36.38 -19.16
CA ARG C 35 1.87 35.40 -20.06
C ARG C 35 2.46 34.02 -19.81
N LYS C 36 2.63 33.66 -18.53
CA LYS C 36 3.09 32.33 -18.17
C LYS C 36 2.24 31.81 -17.03
N ASN C 37 1.90 30.52 -17.09
CA ASN C 37 1.20 29.90 -15.99
C ASN C 37 2.25 29.42 -15.05
N TYR C 38 2.15 29.80 -13.78
CA TYR C 38 3.12 29.41 -12.80
C TYR C 38 2.73 28.07 -12.17
N LEU C 39 2.77 27.03 -13.01
CA LEU C 39 2.45 25.71 -12.58
C LEU C 39 3.64 24.82 -12.88
N ALA C 40 4.11 24.07 -11.89
CA ALA C 40 5.25 23.16 -12.08
C ALA C 40 4.90 21.71 -11.71
N TRP C 41 5.69 20.75 -12.21
CA TRP C 41 5.53 19.32 -11.89
C TRP C 41 6.79 18.80 -11.35
N TYR C 42 6.70 18.04 -10.27
CA TYR C 42 7.85 17.48 -9.62
C TYR C 42 7.72 15.96 -9.62
N GLN C 43 8.87 15.29 -9.63
CA GLN C 43 8.90 13.83 -9.62
C GLN C 43 9.62 13.42 -8.38
N GLN C 44 9.05 12.48 -7.65
CA GLN C 44 9.76 11.95 -6.52
C GLN C 44 9.89 10.45 -6.58
N LYS C 45 11.12 10.01 -6.83
CA LYS C 45 11.50 8.62 -6.88
C LYS C 45 11.79 8.11 -5.46
N PRO C 46 11.57 6.82 -5.19
CA PRO C 46 11.86 6.33 -3.85
C PRO C 46 13.15 6.88 -3.16
N GLY C 47 12.93 7.60 -2.04
CA GLY C 47 13.77 8.69 -1.53
C GLY C 47 15.25 8.74 -1.83
N GLN C 48 15.81 9.76 -2.52
CA GLN C 48 15.21 10.81 -3.41
C GLN C 48 13.91 11.46 -2.96
N SER C 49 13.83 12.76 -2.63
CA SER C 49 14.60 13.88 -3.10
C SER C 49 13.99 14.31 -4.43
N PRO C 50 12.83 15.02 -4.38
CA PRO C 50 12.04 15.40 -5.56
C PRO C 50 12.82 16.31 -6.48
N THR C 51 12.55 16.22 -7.79
CA THR C 51 13.15 17.11 -8.75
C THR C 51 12.06 17.78 -9.61
N LYS C 52 12.36 19.01 -10.03
CA LYS C 52 11.51 19.73 -10.99
C LYS C 52 11.55 19.07 -12.38
N LEU C 53 10.38 18.72 -12.87
CA LEU C 53 10.22 18.16 -14.22
C LEU C 53 9.77 19.24 -15.24
N ILE C 54 8.73 20.00 -14.86
CA ILE C 54 8.15 21.01 -15.72
C ILE C 54 7.98 22.33 -14.98
N TYR C 55 8.33 23.43 -15.64
CA TYR C 55 7.99 24.78 -15.16
C TYR C 55 7.25 25.55 -16.24
N TRP C 56 6.65 26.65 -15.82
CA TRP C 56 5.72 27.40 -16.64
C TRP C 56 4.73 26.52 -17.35
N ALA C 57 4.27 25.47 -16.69
CA ALA C 57 3.17 24.61 -17.19
C ALA C 57 3.58 23.63 -18.26
N SER C 58 4.44 24.05 -19.17
CA SER C 58 4.74 23.18 -20.32
C SER C 58 6.21 23.12 -20.66
N THR C 59 7.03 23.91 -20.01
CA THR C 59 8.43 23.88 -20.37
C THR C 59 9.17 22.84 -19.54
N ARG C 60 9.72 21.83 -20.22
CA ARG C 60 10.52 20.83 -19.49
C ARG C 60 11.88 21.42 -19.12
N GLU C 61 12.36 21.01 -17.95
CA GLU C 61 13.66 21.37 -17.43
C GLU C 61 14.74 20.76 -18.30
N SER C 62 15.95 21.32 -18.23
CA SER C 62 17.11 20.74 -18.94
C SER C 62 17.40 19.37 -18.36
N GLY C 63 17.64 18.40 -19.25
CA GLY C 63 17.96 17.03 -18.84
C GLY C 63 16.76 16.09 -18.86
N VAL C 64 15.57 16.69 -18.82
CA VAL C 64 14.35 15.92 -18.77
C VAL C 64 13.97 15.37 -20.13
N PRO C 65 13.71 14.06 -20.19
CA PRO C 65 13.29 13.40 -21.44
C PRO C 65 12.02 13.96 -22.05
N ASP C 66 11.86 13.70 -23.33
CA ASP C 66 10.79 14.26 -24.12
C ASP C 66 9.50 13.47 -23.86
N ARG C 67 9.68 12.39 -23.12
CA ARG C 67 8.60 11.51 -22.75
C ARG C 67 7.62 12.25 -21.81
N PHE C 68 8.15 13.26 -21.11
CA PHE C 68 7.37 14.03 -20.16
C PHE C 68 6.87 15.28 -20.85
N THR C 69 5.57 15.51 -20.77
CA THR C 69 4.95 16.61 -21.51
C THR C 69 3.87 17.26 -20.67
N GLY C 70 4.12 18.51 -20.28
CA GLY C 70 3.16 19.29 -19.50
C GLY C 70 2.30 20.19 -20.38
N SER C 71 0.99 20.18 -20.14
CA SER C 71 0.13 21.13 -20.84
C SER C 71 -1.06 21.58 -20.00
N GLY C 72 -1.84 22.51 -20.52
CA GLY C 72 -2.94 23.06 -19.77
C GLY C 72 -2.71 24.53 -19.55
N SER C 73 -3.75 25.23 -19.10
CA SER C 73 -3.73 26.69 -18.89
C SER C 73 -4.78 27.21 -17.87
N GLY C 74 -4.37 28.24 -17.13
CA GLY C 74 -5.27 28.86 -16.16
C GLY C 74 -5.71 27.94 -15.03
N THR C 75 -6.73 27.12 -15.29
CA THR C 75 -7.33 26.27 -14.24
C THR C 75 -7.02 24.77 -14.35
N ASP C 76 -6.94 24.28 -15.59
CA ASP C 76 -6.74 22.86 -15.80
C ASP C 76 -5.33 22.57 -16.36
N PHE C 77 -4.60 21.69 -15.68
CA PHE C 77 -3.26 21.26 -16.14
C PHE C 77 -3.12 19.75 -16.20
N THR C 78 -2.19 19.28 -17.03
CA THR C 78 -1.95 17.86 -17.21
C THR C 78 -0.46 17.53 -17.39
N LEU C 79 -0.09 16.36 -16.89
CA LEU C 79 1.21 15.83 -17.10
C LEU C 79 1.01 14.52 -17.76
N THR C 80 1.69 14.39 -18.88
CA THR C 80 1.64 13.25 -19.70
C THR C 80 3.05 12.61 -19.77
N ILE C 81 3.10 11.30 -19.52
CA ILE C 81 4.28 10.54 -19.90
C ILE C 81 3.85 9.61 -21.02
N SER C 82 4.54 9.68 -22.15
CA SER C 82 4.06 9.02 -23.41
C SER C 82 4.37 7.52 -23.47
N SER C 83 5.50 7.10 -22.89
CA SER C 83 5.86 5.70 -22.93
C SER C 83 6.61 5.33 -21.64
N VAL C 84 5.84 5.08 -20.60
CA VAL C 84 6.45 5.05 -19.28
C VAL C 84 7.48 3.94 -19.18
N GLN C 85 8.57 4.23 -18.49
CA GLN C 85 9.58 3.25 -18.31
C GLN C 85 9.51 2.88 -16.85
N ALA C 86 10.02 1.72 -16.50
CA ALA C 86 9.92 1.24 -15.13
C ALA C 86 10.90 1.95 -14.18
N GLU C 87 11.18 3.22 -14.44
CA GLU C 87 12.10 4.03 -13.63
C GLU C 87 11.39 5.33 -13.48
N ASP C 88 10.29 5.46 -14.19
CA ASP C 88 9.41 6.58 -13.99
C ASP C 88 8.54 6.33 -12.75
N LEU C 89 8.79 5.21 -12.08
CA LEU C 89 8.14 4.86 -10.85
C LEU C 89 8.47 5.92 -9.79
N ALA C 90 7.44 6.55 -9.22
CA ALA C 90 7.66 7.76 -8.46
C ALA C 90 6.30 8.32 -8.19
N VAL C 91 6.28 9.36 -7.35
CA VAL C 91 5.08 10.13 -7.08
C VAL C 91 5.29 11.48 -7.75
N TYR C 92 4.27 11.92 -8.49
CA TYR C 92 4.34 13.22 -9.23
C TYR C 92 3.50 14.24 -8.54
N TYR C 93 4.06 15.43 -8.32
CA TYR C 93 3.36 16.54 -7.66
C TYR C 93 3.33 17.77 -8.54
N CYS C 94 2.18 18.45 -8.61
CA CYS C 94 2.17 19.77 -9.20
C CYS C 94 2.32 20.79 -8.07
N LYS C 95 3.12 21.82 -8.29
CA LYS C 95 3.13 22.99 -7.43
C LYS C 95 2.71 24.24 -8.23
N GLN C 96 1.82 25.07 -7.66
CA GLN C 96 1.64 26.45 -8.17
C GLN C 96 2.63 27.45 -7.52
N SER C 97 2.99 28.46 -8.28
CA SER C 97 4.05 29.40 -7.93
C SER C 97 3.47 30.83 -8.07
N TYR C 98 2.17 30.87 -8.36
CA TYR C 98 1.41 32.07 -8.69
C TYR C 98 1.08 32.89 -7.46
N ASP C 99 0.88 32.20 -6.35
CA ASP C 99 0.64 32.87 -5.10
C ASP C 99 1.64 32.28 -4.12
N LEU C 100 1.33 32.30 -2.84
CA LEU C 100 2.13 31.57 -1.87
C LEU C 100 2.02 30.11 -2.36
N PRO C 101 3.18 29.52 -2.75
CA PRO C 101 3.26 28.22 -3.44
C PRO C 101 2.64 27.08 -2.64
N THR C 102 1.95 26.18 -3.33
CA THR C 102 1.22 25.07 -2.72
C THR C 102 1.34 23.84 -3.62
N PHE C 103 1.45 22.65 -3.00
CA PHE C 103 1.47 21.41 -3.75
C PHE C 103 0.10 20.73 -3.76
N GLY C 104 -0.23 20.07 -4.87
CA GLY C 104 -1.28 19.06 -4.89
C GLY C 104 -0.83 17.83 -4.13
N ALA C 105 -1.78 16.95 -3.81
CA ALA C 105 -1.54 15.76 -2.98
C ALA C 105 -0.62 14.72 -3.63
N GLY C 106 -0.33 14.89 -4.92
CA GLY C 106 0.52 13.98 -5.65
C GLY C 106 -0.19 12.82 -6.32
N THR C 107 0.48 12.19 -7.29
CA THR C 107 -0.05 11.03 -8.00
C THR C 107 0.99 9.92 -7.98
N LYS C 108 0.65 8.81 -7.33
CA LYS C 108 1.51 7.64 -7.18
C LYS C 108 1.46 6.82 -8.45
N LEU C 109 2.59 6.80 -9.15
CA LEU C 109 2.68 5.99 -10.35
C LEU C 109 3.39 4.69 -10.05
N GLU C 110 2.65 3.57 -10.25
CA GLU C 110 3.15 2.23 -10.00
C GLU C 110 3.20 1.43 -11.29
N LEU C 111 4.22 0.58 -11.39
CA LEU C 111 4.44 -0.23 -12.57
C LEU C 111 3.83 -1.59 -12.44
N LYS C 112 3.18 -2.03 -13.49
CA LYS C 112 2.68 -3.39 -13.59
C LYS C 112 3.70 -4.06 -14.48
N ARG C 113 3.86 -5.35 -14.29
CA ARG C 113 4.85 -6.09 -15.03
C ARG C 113 4.39 -7.50 -14.88
N SER C 114 5.20 -8.41 -15.42
CA SER C 114 4.82 -9.81 -15.54
C SER C 114 5.09 -10.50 -14.22
N VAL C 115 4.29 -11.50 -13.98
CA VAL C 115 4.32 -12.21 -12.73
C VAL C 115 5.70 -12.79 -12.53
N ALA C 116 6.24 -12.66 -11.32
CA ALA C 116 7.58 -13.15 -11.03
C ALA C 116 7.62 -13.80 -9.65
N ALA C 117 8.02 -15.06 -9.61
CA ALA C 117 8.01 -15.82 -8.36
C ALA C 117 9.08 -15.29 -7.40
N PRO C 118 8.77 -15.28 -6.10
CA PRO C 118 9.74 -14.82 -5.10
C PRO C 118 10.86 -15.84 -4.88
N SER C 119 12.09 -15.38 -4.64
CA SER C 119 13.16 -16.30 -4.23
C SER C 119 13.10 -16.39 -2.71
N VAL C 120 12.86 -17.57 -2.17
CA VAL C 120 12.58 -17.68 -0.74
C VAL C 120 13.81 -18.11 0.09
N PHE C 121 14.17 -17.29 1.07
CA PHE C 121 15.37 -17.54 1.91
C PHE C 121 15.01 -17.48 3.37
N ILE C 122 15.66 -18.32 4.17
CA ILE C 122 15.38 -18.34 5.58
C ILE C 122 16.67 -18.12 6.38
N PHE C 123 16.59 -17.30 7.42
CA PHE C 123 17.75 -16.98 8.27
C PHE C 123 17.56 -17.33 9.72
N PRO C 124 18.35 -18.30 10.21
CA PRO C 124 18.35 -18.56 11.64
C PRO C 124 18.92 -17.35 12.36
N PRO C 125 18.46 -17.08 13.61
CA PRO C 125 19.04 -16.02 14.40
C PRO C 125 20.44 -16.47 14.79
N SER C 126 21.43 -15.58 14.71
CA SER C 126 22.79 -15.92 15.16
C SER C 126 22.88 -15.99 16.69
N ASP C 127 23.95 -16.62 17.16
CA ASP C 127 24.22 -16.73 18.57
C ASP C 127 24.22 -15.38 19.27
N GLU C 128 24.73 -14.36 18.58
CA GLU C 128 24.96 -13.06 19.21
C GLU C 128 23.69 -12.39 19.70
N GLN C 129 22.56 -12.70 19.08
CA GLN C 129 21.28 -12.12 19.47
C GLN C 129 20.62 -13.01 20.51
N LEU C 130 20.91 -14.30 20.43
CA LEU C 130 20.39 -15.25 21.38
C LEU C 130 20.97 -14.97 22.78
N LYS C 131 22.29 -14.77 22.84
CA LYS C 131 22.98 -14.31 24.06
C LYS C 131 22.45 -12.96 24.53
N SER C 132 21.43 -12.45 23.83
CA SER C 132 20.74 -11.24 24.23
C SER C 132 19.32 -11.61 24.64
N GLY C 133 19.08 -12.92 24.71
CA GLY C 133 17.81 -13.47 25.17
C GLY C 133 16.69 -13.32 24.17
N THR C 134 17.03 -12.93 22.96
CA THR C 134 16.01 -12.71 21.95
C THR C 134 16.33 -13.44 20.63
N ALA C 135 15.27 -13.87 19.94
CA ALA C 135 15.38 -14.67 18.72
C ALA C 135 14.58 -14.06 17.58
N SER C 136 15.27 -13.61 16.54
CA SER C 136 14.57 -13.11 15.37
C SER C 136 14.91 -14.03 14.21
N VAL C 137 13.90 -14.65 13.62
CA VAL C 137 14.18 -15.48 12.47
C VAL C 137 13.56 -14.86 11.22
N VAL C 138 14.38 -14.72 10.17
CA VAL C 138 14.02 -13.94 9.01
C VAL C 138 13.80 -14.80 7.79
N CYS C 139 12.64 -14.60 7.18
CA CYS C 139 12.27 -15.25 5.94
C CYS C 139 12.30 -14.15 4.90
N LEU C 140 13.11 -14.35 3.88
CA LEU C 140 13.24 -13.40 2.77
C LEU C 140 12.59 -13.88 1.47
N LEU C 141 11.76 -13.04 0.88
CA LEU C 141 11.26 -13.26 -0.48
C LEU C 141 11.92 -12.24 -1.37
N ASN C 142 12.68 -12.70 -2.34
CA ASN C 142 13.38 -11.74 -3.18
C ASN C 142 12.83 -11.61 -4.59
N ASN C 143 12.77 -10.37 -5.05
CA ASN C 143 12.53 -10.01 -6.46
C ASN C 143 11.32 -10.65 -7.03
N PHE C 144 10.15 -10.21 -6.63
CA PHE C 144 8.92 -10.82 -7.12
C PHE C 144 7.86 -9.79 -7.48
N TYR C 145 6.79 -10.28 -8.09
CA TYR C 145 5.64 -9.44 -8.51
C TYR C 145 4.51 -10.43 -8.77
N PRO C 146 3.28 -10.13 -8.36
CA PRO C 146 2.78 -8.94 -7.69
C PRO C 146 3.22 -8.81 -6.21
N ARG C 147 2.79 -7.73 -5.56
CA ARG C 147 3.25 -7.36 -4.24
C ARG C 147 2.77 -8.35 -3.21
N GLU C 148 1.64 -8.94 -3.52
CA GLU C 148 0.78 -9.53 -2.52
C GLU C 148 1.09 -10.99 -2.26
N ALA C 149 2.06 -11.26 -1.38
CA ALA C 149 2.42 -12.62 -1.00
C ALA C 149 2.06 -12.98 0.45
N LYS C 150 1.52 -14.19 0.64
CA LYS C 150 1.28 -14.71 1.97
C LYS C 150 2.51 -15.48 2.39
N VAL C 151 3.15 -15.03 3.47
CA VAL C 151 4.12 -15.88 4.16
C VAL C 151 3.62 -16.28 5.55
N GLN C 152 3.63 -17.58 5.84
CA GLN C 152 3.20 -18.11 7.13
C GLN C 152 4.30 -18.93 7.79
N TRP C 153 4.45 -18.74 9.10
CA TRP C 153 5.47 -19.46 9.85
C TRP C 153 4.89 -20.67 10.53
N LYS C 154 5.68 -21.72 10.58
CA LYS C 154 5.34 -22.95 11.28
C LYS C 154 6.51 -23.25 12.17
N VAL C 155 6.31 -23.27 13.48
CA VAL C 155 7.36 -23.82 14.34
C VAL C 155 6.96 -25.23 14.74
N ASP C 156 7.85 -26.17 14.41
CA ASP C 156 7.56 -27.59 14.56
C ASP C 156 6.11 -27.89 14.17
N ASN C 157 5.72 -27.51 12.96
CA ASN C 157 4.39 -27.83 12.41
C ASN C 157 3.23 -26.96 12.95
N ALA C 158 3.52 -26.03 13.86
CA ALA C 158 2.50 -25.08 14.33
C ALA C 158 2.46 -23.71 13.57
N LEU C 159 1.27 -23.36 13.08
CA LEU C 159 1.00 -22.04 12.51
C LEU C 159 1.05 -20.98 13.60
N GLN C 160 1.68 -19.85 13.30
CA GLN C 160 1.82 -18.79 14.30
C GLN C 160 0.79 -17.67 14.08
N SER C 161 0.70 -16.77 15.05
CA SER C 161 -0.04 -15.52 14.95
C SER C 161 0.64 -14.53 15.87
N GLY C 162 0.57 -13.24 15.55
CA GLY C 162 1.04 -12.15 16.41
C GLY C 162 2.52 -12.06 16.78
N ASN C 163 3.35 -12.95 16.27
CA ASN C 163 4.78 -12.93 16.60
C ASN C 163 5.68 -12.53 15.40
N SER C 164 5.06 -12.22 14.27
CA SER C 164 5.82 -11.92 13.06
C SER C 164 5.33 -10.64 12.47
N GLN C 165 6.26 -9.88 11.87
CA GLN C 165 5.87 -8.74 11.04
C GLN C 165 6.62 -8.73 9.72
N GLU C 166 6.01 -8.07 8.76
CA GLU C 166 6.44 -8.13 7.37
C GLU C 166 6.78 -6.74 6.89
N SER C 167 7.87 -6.64 6.13
CA SER C 167 8.29 -5.37 5.56
C SER C 167 8.45 -5.56 4.10
N VAL C 168 7.87 -4.66 3.33
CA VAL C 168 7.95 -4.76 1.88
C VAL C 168 8.75 -3.60 1.34
N THR C 169 9.64 -3.86 0.39
CA THR C 169 10.37 -2.77 -0.27
C THR C 169 9.49 -2.02 -1.28
N GLU C 170 9.81 -0.75 -1.52
CA GLU C 170 9.23 0.00 -2.63
C GLU C 170 9.60 -0.77 -3.89
N GLN C 171 8.72 -0.69 -4.88
CA GLN C 171 8.90 -1.40 -6.13
C GLN C 171 10.25 -1.09 -6.80
N ASP C 172 10.91 -2.08 -7.36
CA ASP C 172 12.27 -1.85 -7.90
C ASP C 172 12.28 -0.87 -9.07
N SER C 173 13.23 0.05 -9.07
CA SER C 173 13.29 1.08 -10.11
C SER C 173 13.74 0.62 -11.47
N LYS C 174 14.35 -0.55 -11.58
CA LYS C 174 14.89 -0.96 -12.89
C LYS C 174 14.15 -2.18 -13.36
N ASP C 175 13.62 -2.96 -12.42
CA ASP C 175 13.05 -4.26 -12.71
C ASP C 175 11.58 -4.35 -12.22
N SER C 176 11.13 -3.37 -11.43
CA SER C 176 9.71 -3.32 -11.05
C SER C 176 9.21 -4.42 -10.09
N THR C 177 10.17 -5.10 -9.48
CA THR C 177 9.88 -6.15 -8.54
C THR C 177 9.80 -5.63 -7.09
N TYR C 178 9.35 -6.51 -6.19
CA TYR C 178 9.39 -6.24 -4.77
C TYR C 178 10.28 -7.27 -4.10
N SER C 179 10.72 -6.93 -2.90
CA SER C 179 11.28 -7.88 -1.95
C SER C 179 10.56 -7.67 -0.59
N LEU C 180 10.41 -8.74 0.16
CA LEU C 180 9.66 -8.73 1.42
C LEU C 180 10.38 -9.57 2.48
N SER C 181 10.48 -9.03 3.68
CA SER C 181 11.02 -9.78 4.82
C SER C 181 9.93 -10.02 5.84
N SER C 182 9.80 -11.28 6.22
CA SER C 182 8.94 -11.61 7.31
C SER C 182 9.83 -12.02 8.47
N THR C 183 9.58 -11.39 9.60
CA THR C 183 10.43 -11.56 10.75
C THR C 183 9.65 -12.19 11.89
N LEU C 184 10.03 -13.41 12.24
CA LEU C 184 9.48 -14.07 13.41
C LEU C 184 10.39 -13.79 14.61
N THR C 185 9.82 -13.13 15.61
CA THR C 185 10.59 -12.73 16.79
C THR C 185 10.09 -13.48 18.03
N LEU C 186 11.04 -14.11 18.71
CA LEU C 186 10.77 -15.01 19.81
C LEU C 186 11.71 -14.66 20.94
N SER C 187 11.48 -15.24 22.12
CA SER C 187 12.48 -15.15 23.18
C SER C 187 13.41 -16.36 23.07
N LYS C 188 14.69 -16.21 23.40
CA LYS C 188 15.60 -17.37 23.38
C LYS C 188 14.92 -18.56 24.05
N ALA C 189 14.06 -18.28 25.01
CA ALA C 189 13.36 -19.32 25.74
C ALA C 189 12.47 -20.16 24.81
N ASP C 190 11.57 -19.49 24.08
CA ASP C 190 10.62 -20.18 23.22
C ASP C 190 11.31 -20.92 22.09
N TYR C 191 12.34 -20.30 21.55
CA TYR C 191 13.00 -20.80 20.36
C TYR C 191 13.80 -22.07 20.66
N GLU C 192 14.56 -22.04 21.76
CA GLU C 192 15.29 -23.23 22.24
C GLU C 192 14.35 -24.40 22.52
N LYS C 193 13.12 -24.08 22.90
CA LYS C 193 12.05 -25.06 23.05
C LYS C 193 11.73 -25.82 21.78
N HIS C 194 12.00 -25.25 20.59
CA HIS C 194 11.64 -25.94 19.33
C HIS C 194 12.75 -26.18 18.32
N ALA C 198 10.15 -23.17 9.90
CA ALA C 198 9.68 -23.21 8.50
C ALA C 198 8.80 -22.00 8.07
N CYS C 199 9.11 -21.38 6.93
CA CYS C 199 8.17 -20.42 6.29
C CYS C 199 7.59 -20.89 4.97
N GLU C 200 6.30 -20.65 4.80
CA GLU C 200 5.52 -21.16 3.70
C GLU C 200 4.96 -19.97 2.96
N VAL C 201 5.23 -19.92 1.66
CA VAL C 201 4.98 -18.74 0.84
C VAL C 201 4.00 -19.17 -0.21
N THR C 202 2.90 -18.46 -0.36
CA THR C 202 2.02 -18.71 -1.50
C THR C 202 1.99 -17.43 -2.29
N HIS C 203 2.00 -17.56 -3.60
CA HIS C 203 2.19 -16.43 -4.49
C HIS C 203 1.76 -16.78 -5.89
N GLN C 204 1.25 -15.79 -6.60
CA GLN C 204 0.64 -15.96 -7.89
C GLN C 204 1.58 -16.57 -8.90
N GLY C 205 2.88 -16.35 -8.68
CA GLY C 205 3.91 -16.87 -9.55
C GLY C 205 4.39 -18.26 -9.20
N LEU C 206 3.67 -18.94 -8.31
CA LEU C 206 4.12 -20.23 -7.80
C LEU C 206 3.02 -21.22 -7.97
N SER C 207 3.32 -22.30 -8.67
CA SER C 207 2.30 -23.29 -8.93
C SER C 207 1.76 -23.79 -7.57
N SER C 208 2.65 -24.28 -6.70
CA SER C 208 2.22 -24.59 -5.36
C SER C 208 3.13 -23.92 -4.32
N PRO C 209 2.59 -23.68 -3.09
CA PRO C 209 3.35 -23.09 -1.97
C PRO C 209 4.74 -23.65 -1.77
N VAL C 210 5.66 -22.79 -1.36
CA VAL C 210 7.06 -23.15 -1.16
C VAL C 210 7.44 -22.92 0.28
N THR C 211 8.09 -23.94 0.85
CA THR C 211 8.40 -24.02 2.26
C THR C 211 9.91 -24.01 2.45
N LYS C 212 10.42 -23.08 3.23
CA LYS C 212 11.84 -23.10 3.54
C LYS C 212 12.00 -23.36 5.03
N SER C 213 12.94 -24.23 5.39
CA SER C 213 13.04 -24.74 6.77
C SER C 213 14.45 -24.98 7.22
N PHE C 214 14.63 -25.02 8.54
CA PHE C 214 15.86 -25.48 9.17
C PHE C 214 15.58 -26.02 10.57
N ASN C 215 16.65 -26.52 11.22
CA ASN C 215 16.64 -26.96 12.62
C ASN C 215 17.65 -26.17 13.46
N ARG C 216 17.40 -26.06 14.78
CA ARG C 216 18.26 -25.25 15.65
C ARG C 216 19.60 -25.94 15.93
N VAL D 2 26.40 22.91 -7.91
CA VAL D 2 25.43 23.43 -6.90
C VAL D 2 24.85 22.31 -6.03
N GLN D 3 25.04 22.42 -4.71
CA GLN D 3 24.54 21.43 -3.76
C GLN D 3 23.99 22.09 -2.48
N LEU D 4 23.00 21.45 -1.86
CA LEU D 4 22.40 21.94 -0.62
C LEU D 4 22.46 20.88 0.48
N LYS D 5 22.77 21.32 1.70
CA LYS D 5 22.90 20.38 2.82
C LYS D 5 22.09 20.79 4.06
N GLU D 6 21.00 20.08 4.33
CA GLU D 6 20.29 20.29 5.60
C GLU D 6 21.01 19.51 6.66
N SER D 7 21.27 20.17 7.78
CA SER D 7 21.68 19.49 8.97
C SER D 7 20.71 19.98 10.02
N GLY D 8 20.25 19.03 10.84
CA GLY D 8 19.28 19.33 11.86
C GLY D 8 19.47 18.33 12.97
N PRO D 9 18.56 18.33 13.96
CA PRO D 9 18.69 17.48 15.14
C PRO D 9 18.43 16.00 14.82
N GLY D 10 17.24 15.69 14.32
CA GLY D 10 16.81 14.32 14.21
C GLY D 10 15.70 14.07 15.21
N LEU D 11 15.90 14.52 16.46
CA LEU D 11 14.94 14.30 17.54
C LEU D 11 14.68 15.56 18.34
N VAL D 12 13.42 15.93 18.54
CA VAL D 12 13.05 17.08 19.37
C VAL D 12 11.81 16.78 20.23
N ALA D 13 11.70 17.46 21.39
CA ALA D 13 10.61 17.25 22.38
C ALA D 13 9.38 18.09 22.03
N PRO D 14 8.12 17.53 22.28
CA PRO D 14 6.86 18.19 21.87
C PRO D 14 6.84 19.71 21.99
N SER D 15 6.67 20.23 23.20
CA SER D 15 6.77 21.67 23.39
C SER D 15 8.24 22.12 23.39
N GLN D 16 8.85 22.12 22.20
CA GLN D 16 10.21 22.65 22.00
C GLN D 16 10.35 23.33 20.64
N SER D 17 11.58 23.73 20.31
CA SER D 17 11.85 24.54 19.15
C SER D 17 12.75 23.85 18.13
N LEU D 18 12.19 23.60 16.95
CA LEU D 18 12.92 22.97 15.86
C LEU D 18 13.80 23.98 15.11
N SER D 19 15.06 23.59 14.92
CA SER D 19 16.02 24.43 14.21
C SER D 19 16.87 23.57 13.29
N ILE D 20 16.70 23.83 12.01
CA ILE D 20 17.46 23.17 10.94
C ILE D 20 18.28 24.24 10.21
N THR D 21 19.47 23.85 9.77
CA THR D 21 20.34 24.73 8.98
C THR D 21 20.64 24.14 7.61
N CYS D 22 20.53 25.01 6.59
CA CYS D 22 20.84 24.70 5.21
C CYS D 22 22.13 25.41 4.82
N THR D 23 23.16 24.63 4.52
CA THR D 23 24.43 25.12 3.99
C THR D 23 24.45 24.95 2.48
N VAL D 24 24.74 26.03 1.77
CA VAL D 24 24.66 26.01 0.33
C VAL D 24 26.00 26.31 -0.35
N SER D 25 26.31 25.54 -1.39
CA SER D 25 27.54 25.69 -2.14
C SER D 25 27.26 25.85 -3.61
N GLY D 26 27.84 26.91 -4.18
CA GLY D 26 27.76 27.15 -5.61
C GLY D 26 26.96 28.38 -5.96
N PHE D 27 26.78 29.27 -4.98
CA PHE D 27 26.12 30.58 -5.17
C PHE D 27 25.85 31.21 -3.82
N SER D 28 25.80 32.54 -3.75
CA SER D 28 25.37 33.19 -2.50
C SER D 28 23.84 33.35 -2.46
N LEU D 29 23.31 33.58 -1.25
CA LEU D 29 21.88 33.72 -1.09
C LEU D 29 21.39 35.10 -1.46
N THR D 30 22.33 36.01 -1.69
CA THR D 30 22.01 37.27 -2.34
C THR D 30 21.28 37.06 -3.70
N ASP D 31 21.76 36.13 -4.52
CA ASP D 31 21.21 35.90 -5.87
C ASP D 31 19.90 35.14 -5.87
N TYR D 32 19.83 34.12 -5.01
CA TYR D 32 18.73 33.17 -5.04
C TYR D 32 17.85 33.20 -3.80
N GLY D 33 16.60 32.82 -4.00
CA GLY D 33 15.70 32.53 -2.92
C GLY D 33 15.78 31.07 -2.49
N VAL D 34 15.92 30.83 -1.19
CA VAL D 34 15.81 29.46 -0.69
C VAL D 34 14.47 29.22 -0.01
N SER D 35 13.86 28.10 -0.35
CA SER D 35 12.54 27.76 0.17
C SER D 35 12.59 26.50 1.04
N TRP D 36 11.63 26.34 1.95
CA TRP D 36 11.57 25.18 2.81
C TRP D 36 10.37 24.36 2.52
N ILE D 37 10.57 23.06 2.52
CA ILE D 37 9.51 22.11 2.25
C ILE D 37 9.65 20.94 3.22
N ARG D 38 8.52 20.48 3.72
CA ARG D 38 8.52 19.34 4.59
C ARG D 38 7.66 18.30 3.95
N GLN D 39 7.87 17.07 4.39
CA GLN D 39 7.10 15.93 3.92
C GLN D 39 6.94 14.95 5.10
N PRO D 40 5.73 14.92 5.73
CA PRO D 40 5.41 13.97 6.78
C PRO D 40 5.45 12.58 6.22
N PRO D 41 5.75 11.58 7.06
CA PRO D 41 5.95 10.23 6.52
C PRO D 41 4.66 9.76 5.89
N GLY D 42 4.80 9.19 4.68
CA GLY D 42 3.69 8.74 3.83
C GLY D 42 2.70 9.81 3.42
N LYS D 43 3.11 11.07 3.49
CA LYS D 43 2.25 12.17 3.03
C LYS D 43 2.95 13.03 1.94
N GLY D 44 2.21 13.95 1.35
CA GLY D 44 2.74 14.75 0.28
C GLY D 44 3.68 15.83 0.74
N LEU D 45 3.85 16.83 -0.11
CA LEU D 45 4.78 17.93 0.16
C LEU D 45 4.03 19.16 0.62
N GLU D 46 4.62 19.88 1.57
CA GLU D 46 4.02 21.09 2.06
C GLU D 46 5.05 22.19 2.02
N TRP D 47 4.63 23.33 1.49
CA TRP D 47 5.52 24.45 1.36
C TRP D 47 5.43 25.21 2.62
N LEU D 48 6.58 25.48 3.20
CA LEU D 48 6.62 26.11 4.47
C LEU D 48 6.79 27.57 4.29
N GLY D 49 7.82 27.94 3.53
CA GLY D 49 8.12 29.34 3.28
C GLY D 49 9.30 29.56 2.36
N VAL D 50 9.80 30.78 2.30
CA VAL D 50 10.89 31.12 1.38
C VAL D 50 11.59 32.38 1.87
N ILE D 51 12.90 32.47 1.61
CA ILE D 51 13.62 33.71 1.85
C ILE D 51 14.37 34.10 0.57
N TRP D 52 13.90 35.17 -0.08
CA TRP D 52 14.48 35.68 -1.35
C TRP D 52 15.86 36.25 -1.16
N GLY D 53 16.39 36.75 -2.27
CA GLY D 53 17.71 37.37 -2.26
C GLY D 53 17.94 38.32 -1.09
N GLY D 54 17.02 39.30 -0.88
CA GLY D 54 17.35 40.43 0.02
C GLY D 54 16.53 40.68 1.31
N GLY D 55 16.28 39.62 2.11
CA GLY D 55 15.47 39.68 3.37
C GLY D 55 14.17 39.08 3.10
N SER D 56 13.13 39.88 2.76
CA SER D 56 11.86 39.46 2.08
C SER D 56 11.44 37.97 2.26
N THR D 57 10.67 37.69 3.30
CA THR D 57 10.24 36.29 3.53
C THR D 57 8.73 36.14 3.51
N TYR D 58 8.27 35.00 3.00
CA TYR D 58 6.85 34.67 2.93
C TYR D 58 6.73 33.26 3.51
N TYR D 59 5.55 32.90 4.01
CA TYR D 59 5.30 31.63 4.75
C TYR D 59 3.93 31.04 4.37
N ASN D 60 3.74 29.74 4.62
CA ASN D 60 2.40 29.14 4.50
C ASN D 60 1.50 29.98 5.39
N SER D 61 0.27 30.25 4.95
CA SER D 61 -0.68 31.05 5.75
C SER D 61 -1.09 30.32 7.04
N ALA D 62 -1.14 28.98 6.99
CA ALA D 62 -1.57 28.16 8.13
C ALA D 62 -0.51 27.97 9.21
N LEU D 63 0.76 28.17 8.86
CA LEU D 63 1.84 27.96 9.82
C LEU D 63 2.64 29.22 10.04
N LYS D 64 2.27 30.27 9.31
CA LYS D 64 2.96 31.54 9.39
C LYS D 64 3.41 31.83 10.83
N SER D 65 2.46 31.75 11.75
CA SER D 65 2.63 32.21 13.13
C SER D 65 3.66 31.41 13.95
N ARG D 66 3.88 30.15 13.58
CA ARG D 66 4.83 29.31 14.32
C ARG D 66 6.22 29.36 13.69
N LEU D 67 6.31 30.06 12.56
CA LEU D 67 7.40 29.83 11.66
C LEU D 67 8.34 31.02 11.55
N SER D 68 9.64 30.76 11.64
CA SER D 68 10.64 31.80 11.31
C SER D 68 11.66 31.28 10.30
N ILE D 69 11.85 32.02 9.20
CA ILE D 69 12.96 31.78 8.27
C ILE D 69 13.88 33.00 8.18
N SER D 70 15.19 32.78 8.23
CA SER D 70 16.19 33.84 8.11
C SER D 70 17.46 33.25 7.53
N LYS D 71 18.29 34.11 6.97
CA LYS D 71 19.55 33.72 6.33
C LYS D 71 20.68 34.56 6.91
N ASP D 72 21.90 34.15 6.60
CA ASP D 72 23.04 34.97 6.90
C ASP D 72 24.00 34.66 5.80
N ASN D 73 24.08 35.59 4.85
CA ASN D 73 24.72 35.30 3.58
C ASN D 73 26.24 35.28 3.70
N SER D 74 26.71 35.84 4.81
CA SER D 74 28.12 35.83 5.20
C SER D 74 28.63 34.43 5.54
N LYS D 75 27.72 33.50 5.83
CA LYS D 75 28.08 32.10 6.08
C LYS D 75 27.40 31.09 5.12
N SER D 76 26.62 31.62 4.17
CA SER D 76 25.89 30.83 3.15
C SER D 76 24.92 29.80 3.74
N GLN D 77 24.39 30.13 4.92
CA GLN D 77 23.39 29.31 5.60
C GLN D 77 22.05 29.98 5.67
N VAL D 78 21.03 29.15 5.68
CA VAL D 78 19.68 29.63 5.84
C VAL D 78 19.07 28.86 6.99
N PHE D 79 18.18 29.50 7.73
CA PHE D 79 17.75 28.94 8.98
C PHE D 79 16.25 28.88 9.00
N LEU D 80 15.76 27.85 9.70
CA LEU D 80 14.35 27.64 9.90
C LEU D 80 14.16 27.29 11.36
N LYS D 81 13.54 28.22 12.08
CA LYS D 81 13.12 28.00 13.46
C LYS D 81 11.61 27.78 13.43
N MET D 82 11.17 26.82 14.23
CA MET D 82 9.76 26.50 14.33
C MET D 82 9.45 26.02 15.75
N ASN D 83 8.44 26.62 16.37
CA ASN D 83 8.10 26.31 17.75
C ASN D 83 6.67 25.79 17.88
N SER D 84 6.30 25.41 19.10
CA SER D 84 4.98 24.82 19.39
C SER D 84 4.85 23.47 18.67
N LEU D 85 5.89 22.63 18.78
CA LEU D 85 6.02 21.42 17.96
C LEU D 85 4.99 20.35 18.29
N GLN D 86 4.32 19.84 17.26
CA GLN D 86 3.38 18.75 17.49
C GLN D 86 3.95 17.50 16.88
N THR D 87 3.25 16.38 17.03
CA THR D 87 3.65 15.17 16.34
C THR D 87 3.29 15.33 14.87
N ASP D 88 2.33 16.21 14.60
CA ASP D 88 1.98 16.60 13.25
C ASP D 88 3.20 17.17 12.50
N ASP D 89 4.17 17.67 13.27
CA ASP D 89 5.39 18.27 12.72
C ASP D 89 6.54 17.28 12.46
N THR D 90 6.28 16.00 12.64
CA THR D 90 7.23 14.99 12.22
C THR D 90 7.22 14.90 10.70
N ALA D 91 8.39 15.08 10.10
CA ALA D 91 8.50 15.03 8.64
C ALA D 91 9.94 15.10 8.14
N MET D 92 10.15 14.75 6.88
CA MET D 92 11.40 15.04 6.22
C MET D 92 11.39 16.53 5.84
N TYR D 93 12.50 17.22 6.08
CA TYR D 93 12.56 18.67 5.91
C TYR D 93 13.60 19.00 4.87
N TYR D 94 13.14 19.66 3.80
CA TYR D 94 13.97 20.04 2.66
C TYR D 94 14.17 21.56 2.59
N CYS D 95 15.38 21.99 2.19
CA CYS D 95 15.61 23.29 1.55
C CYS D 95 15.84 23.12 0.01
N ALA D 96 15.53 24.17 -0.77
CA ALA D 96 15.61 24.16 -2.23
C ALA D 96 15.78 25.59 -2.64
N LYS D 97 16.67 25.82 -3.61
CA LYS D 97 16.88 27.13 -4.19
C LYS D 97 15.78 27.36 -5.23
N HIS D 98 15.12 28.51 -5.17
CA HIS D 98 14.08 28.84 -6.14
C HIS D 98 14.32 30.17 -6.84
N THR D 99 14.21 30.21 -8.17
CA THR D 99 14.02 31.48 -8.89
C THR D 99 12.55 31.60 -9.27
N TYR D 100 11.90 32.64 -8.73
CA TYR D 100 10.45 32.90 -8.84
C TYR D 100 9.58 31.74 -9.37
N GLY D 101 9.44 31.69 -10.69
CA GLY D 101 9.06 30.48 -11.40
C GLY D 101 10.20 30.31 -12.36
N GLY D 102 10.43 29.09 -12.83
CA GLY D 102 11.42 28.91 -13.86
C GLY D 102 12.54 27.91 -13.62
N PRO D 103 13.57 27.94 -14.50
CA PRO D 103 14.64 26.98 -14.34
C PRO D 103 15.17 27.20 -12.95
N GLY D 104 14.97 26.19 -12.10
CA GLY D 104 15.29 26.30 -10.69
C GLY D 104 16.71 25.82 -10.48
N ASP D 105 16.91 24.82 -9.63
CA ASP D 105 15.93 24.31 -8.67
C ASP D 105 16.50 22.97 -8.26
N SER D 106 17.31 22.94 -7.20
CA SER D 106 17.77 21.67 -6.64
C SER D 106 17.52 21.64 -5.12
N TRP D 107 17.35 20.44 -4.59
CA TRP D 107 16.98 20.24 -3.21
C TRP D 107 18.06 19.57 -2.44
N GLY D 108 18.19 19.91 -1.17
CA GLY D 108 19.00 19.10 -0.27
C GLY D 108 18.45 17.68 -0.19
N GLN D 109 19.17 16.80 0.50
CA GLN D 109 18.66 15.45 0.67
C GLN D 109 17.44 15.40 1.60
N GLY D 110 17.42 16.31 2.58
CA GLY D 110 16.41 16.41 3.63
C GLY D 110 16.83 15.77 4.97
N THR D 111 16.21 16.23 6.07
CA THR D 111 16.26 15.60 7.44
C THR D 111 14.78 15.46 7.94
N SER D 112 14.28 14.37 8.53
CA SER D 112 14.81 13.57 9.66
C SER D 112 14.39 14.33 10.93
N VAL D 113 13.16 14.06 11.40
CA VAL D 113 12.52 14.69 12.58
C VAL D 113 11.00 14.48 12.47
N THR D 114 10.30 13.71 13.32
CA THR D 114 10.63 13.09 14.66
C THR D 114 10.54 13.96 15.88
N VAL D 115 9.30 14.10 16.36
CA VAL D 115 9.02 14.82 17.58
C VAL D 115 8.60 13.83 18.70
N SER D 116 9.53 13.65 19.64
CA SER D 116 9.34 12.71 20.74
C SER D 116 10.07 13.19 22.00
N SER D 117 9.41 12.98 23.13
CA SER D 117 10.03 13.21 24.44
C SER D 117 10.96 12.05 24.84
N ALA D 118 10.82 10.91 24.18
CA ALA D 118 11.79 9.82 24.31
C ALA D 118 13.19 10.21 23.84
N SER D 119 14.13 9.36 24.21
CA SER D 119 15.54 9.63 24.09
C SER D 119 16.04 8.83 22.91
N THR D 120 17.07 9.32 22.23
CA THR D 120 17.68 8.56 21.15
C THR D 120 18.11 7.20 21.71
N LYS D 121 17.78 6.12 20.98
CA LYS D 121 18.43 4.84 21.19
C LYS D 121 19.10 4.41 19.89
N GLY D 122 20.39 4.14 19.95
CA GLY D 122 21.13 3.56 18.84
C GLY D 122 20.67 2.14 18.58
N PRO D 123 20.96 1.63 17.37
CA PRO D 123 20.55 0.29 16.99
C PRO D 123 21.48 -0.77 17.51
N SER D 124 20.94 -1.97 17.68
CA SER D 124 21.78 -3.13 17.86
C SER D 124 21.76 -3.90 16.53
N VAL D 125 22.95 -4.27 16.07
CA VAL D 125 23.12 -4.92 14.78
C VAL D 125 23.61 -6.35 14.92
N PHE D 126 22.92 -7.23 14.19
CA PHE D 126 22.99 -8.67 14.36
C PHE D 126 23.05 -9.32 12.97
N PRO D 127 23.98 -10.27 12.73
CA PRO D 127 24.12 -10.71 11.34
C PRO D 127 23.08 -11.72 10.90
N LEU D 128 22.70 -11.63 9.63
CA LEU D 128 21.92 -12.65 8.92
C LEU D 128 22.85 -13.44 8.01
N ALA D 129 23.17 -14.66 8.46
CA ALA D 129 24.12 -15.55 7.83
C ALA D 129 23.52 -16.39 6.69
N PRO D 130 24.32 -16.65 5.63
CA PRO D 130 23.95 -17.65 4.60
C PRO D 130 24.31 -19.10 5.02
N GLY D 137 20.12 -21.33 -5.22
CA GLY D 137 20.89 -22.22 -6.10
C GLY D 137 21.81 -21.45 -7.03
N GLY D 138 23.08 -21.34 -6.64
CA GLY D 138 24.08 -20.56 -7.38
C GLY D 138 24.37 -19.25 -6.66
N THR D 139 23.29 -18.58 -6.24
CA THR D 139 23.36 -17.34 -5.45
C THR D 139 22.81 -17.56 -4.04
N ALA D 140 23.49 -17.04 -3.04
CA ALA D 140 22.98 -17.12 -1.66
C ALA D 140 22.84 -15.76 -0.99
N ALA D 141 21.94 -15.66 0.00
CA ALA D 141 21.64 -14.38 0.63
C ALA D 141 22.24 -14.21 2.01
N LEU D 142 22.70 -12.98 2.27
CA LEU D 142 23.19 -12.56 3.57
C LEU D 142 22.70 -11.14 3.88
N GLY D 143 22.96 -10.68 5.11
CA GLY D 143 22.55 -9.34 5.55
C GLY D 143 22.67 -9.07 7.04
N CYS D 144 22.37 -7.83 7.43
CA CYS D 144 22.29 -7.42 8.84
C CYS D 144 20.87 -7.07 9.25
N LEU D 145 20.42 -7.61 10.37
CA LEU D 145 19.17 -7.17 10.97
C LEU D 145 19.50 -6.08 11.96
N VAL D 146 19.01 -4.87 11.72
CA VAL D 146 19.28 -3.80 12.69
C VAL D 146 18.07 -3.51 13.57
N LYS D 147 18.18 -3.98 14.82
CA LYS D 147 17.06 -4.06 15.70
C LYS D 147 16.94 -2.81 16.54
N ASP D 148 15.71 -2.55 16.95
CA ASP D 148 15.33 -1.53 17.93
C ASP D 148 16.32 -0.38 18.12
N TYR D 149 16.00 0.70 17.44
CA TYR D 149 16.71 1.93 17.61
C TYR D 149 15.60 2.94 17.54
N PHE D 150 15.94 4.17 17.87
CA PHE D 150 15.03 5.28 17.74
C PHE D 150 15.86 6.57 17.75
N PRO D 151 15.46 7.58 16.96
CA PRO D 151 14.35 7.55 16.01
C PRO D 151 14.87 7.15 14.63
N GLU D 152 14.08 7.44 13.60
CA GLU D 152 14.55 7.38 12.22
C GLU D 152 15.45 8.58 11.87
N PRO D 153 16.47 8.34 11.03
CA PRO D 153 16.69 7.10 10.31
C PRO D 153 18.04 6.38 10.45
N VAL D 154 18.15 5.38 9.60
CA VAL D 154 19.36 4.66 9.23
C VAL D 154 18.97 4.38 7.77
N THR D 155 19.79 4.58 6.73
CA THR D 155 21.27 4.73 6.62
C THR D 155 22.09 3.47 6.94
N VAL D 156 22.09 2.57 5.96
CA VAL D 156 22.81 1.29 6.02
C VAL D 156 23.46 1.16 4.67
N SER D 157 24.74 0.84 4.68
CA SER D 157 25.52 0.69 3.47
C SER D 157 26.38 -0.56 3.57
N TRP D 158 27.10 -0.88 2.51
CA TRP D 158 27.87 -2.10 2.48
C TRP D 158 29.24 -1.88 1.96
N ASN D 159 30.20 -2.52 2.63
CA ASN D 159 31.60 -2.27 2.41
C ASN D 159 31.82 -0.79 2.58
N SER D 160 31.44 0.00 1.57
CA SER D 160 31.29 1.46 1.73
C SER D 160 30.48 2.07 0.60
N GLY D 161 29.49 1.33 0.11
CA GLY D 161 28.82 1.69 -1.14
C GLY D 161 29.49 0.90 -2.27
N ALA D 162 30.70 0.41 -2.00
CA ALA D 162 31.44 -0.49 -2.89
C ALA D 162 30.57 -1.69 -3.31
N LEU D 163 29.54 -1.96 -2.50
CA LEU D 163 28.49 -2.90 -2.83
C LEU D 163 27.14 -2.18 -2.91
N THR D 164 26.52 -2.23 -4.09
CA THR D 164 25.19 -1.67 -4.26
C THR D 164 24.25 -2.62 -5.04
N SER D 165 24.82 -3.65 -5.66
CA SER D 165 24.05 -4.56 -6.50
C SER D 165 23.49 -5.73 -5.71
N GLY D 166 22.16 -5.91 -5.77
CA GLY D 166 21.46 -6.92 -4.97
C GLY D 166 20.85 -6.38 -3.68
N VAL D 167 21.31 -5.21 -3.24
CA VAL D 167 20.92 -4.63 -1.94
C VAL D 167 19.43 -4.29 -1.80
N HIS D 168 18.80 -4.90 -0.80
CA HIS D 168 17.50 -4.44 -0.35
C HIS D 168 17.53 -4.08 1.11
N THR D 169 17.39 -2.80 1.38
CA THR D 169 17.15 -2.34 2.73
C THR D 169 15.66 -2.12 2.90
N PHE D 170 15.11 -2.65 3.99
CA PHE D 170 13.66 -2.56 4.16
C PHE D 170 13.26 -1.30 4.87
N PRO D 171 12.04 -0.80 4.60
CA PRO D 171 11.50 0.27 5.43
C PRO D 171 11.44 -0.27 6.84
N ALA D 172 11.76 0.58 7.80
CA ALA D 172 11.82 0.19 9.18
C ALA D 172 10.40 -0.12 9.60
N VAL D 173 10.28 -1.05 10.55
CA VAL D 173 8.99 -1.35 11.14
C VAL D 173 8.94 -1.07 12.65
N LEU D 174 7.76 -0.68 13.10
CA LEU D 174 7.62 -0.30 14.48
C LEU D 174 7.45 -1.53 15.37
N GLN D 175 8.42 -1.74 16.26
CA GLN D 175 8.36 -2.81 17.26
C GLN D 175 7.29 -2.47 18.30
N SER D 176 6.72 -3.48 18.97
CA SER D 176 5.78 -3.17 20.04
C SER D 176 6.49 -2.31 21.11
N SER D 177 7.82 -2.40 21.17
CA SER D 177 8.60 -1.64 22.13
C SER D 177 8.61 -0.16 21.81
N GLY D 178 7.91 0.22 20.75
CA GLY D 178 7.95 1.61 20.30
C GLY D 178 9.24 1.96 19.57
N LEU D 179 10.11 0.98 19.33
CA LEU D 179 11.38 1.19 18.64
C LEU D 179 11.37 0.68 17.18
N TYR D 180 12.25 1.25 16.34
CA TYR D 180 12.29 0.81 14.95
C TYR D 180 13.21 -0.37 14.82
N SER D 181 12.94 -1.20 13.81
CA SER D 181 13.89 -2.17 13.36
C SER D 181 13.59 -2.49 11.92
N LEU D 182 14.66 -2.78 11.19
CA LEU D 182 14.60 -3.07 9.77
C LEU D 182 15.67 -4.09 9.44
N SER D 183 15.70 -4.54 8.19
CA SER D 183 16.74 -5.44 7.69
C SER D 183 17.29 -4.96 6.35
N SER D 184 18.56 -5.23 6.16
CA SER D 184 19.20 -4.91 4.90
C SER D 184 19.85 -6.17 4.37
N VAL D 185 19.49 -6.52 3.16
CA VAL D 185 19.81 -7.82 2.66
C VAL D 185 20.44 -7.64 1.29
N VAL D 186 21.33 -8.56 0.93
CA VAL D 186 22.05 -8.46 -0.33
C VAL D 186 22.24 -9.87 -0.87
N THR D 187 22.11 -10.01 -2.20
CA THR D 187 22.37 -11.30 -2.83
C THR D 187 23.76 -11.31 -3.51
N VAL D 188 24.41 -12.48 -3.48
CA VAL D 188 25.79 -12.64 -3.94
C VAL D 188 26.01 -14.04 -4.53
N PRO D 189 27.16 -14.28 -5.21
CA PRO D 189 27.52 -15.64 -5.64
C PRO D 189 28.04 -16.42 -4.44
N SER D 190 27.53 -17.63 -4.23
CA SER D 190 27.93 -18.43 -3.06
C SER D 190 29.41 -18.79 -3.12
N SER D 191 29.92 -18.87 -4.34
CA SER D 191 31.35 -19.06 -4.57
C SER D 191 32.17 -17.99 -3.86
N SER D 192 31.69 -16.75 -3.89
CA SER D 192 32.44 -15.60 -3.36
C SER D 192 32.57 -15.56 -1.82
N LEU D 193 31.72 -16.32 -1.12
CA LEU D 193 31.66 -16.33 0.37
C LEU D 193 33.03 -16.28 1.08
N GLY D 194 33.99 -17.08 0.62
CA GLY D 194 35.34 -17.08 1.19
C GLY D 194 36.07 -15.78 0.89
N THR D 195 36.56 -15.67 -0.35
CA THR D 195 37.32 -14.50 -0.81
C THR D 195 36.69 -13.16 -0.43
N GLN D 196 35.37 -13.17 -0.21
CA GLN D 196 34.61 -11.95 0.04
C GLN D 196 34.03 -11.93 1.44
N THR D 197 34.31 -10.86 2.18
CA THR D 197 33.68 -10.61 3.47
C THR D 197 32.73 -9.43 3.32
N TYR D 198 31.72 -9.37 4.18
CA TYR D 198 30.66 -8.39 3.99
C TYR D 198 30.27 -7.62 5.25
N ILE D 199 30.42 -6.29 5.17
CA ILE D 199 29.99 -5.34 6.18
C ILE D 199 29.30 -4.18 5.44
N CYS D 200 28.26 -3.52 5.94
CA CYS D 200 27.29 -3.89 7.04
C CYS D 200 27.32 -2.81 8.15
N ASN D 201 27.70 -1.60 7.72
CA ASN D 201 27.58 -0.37 8.48
C ASN D 201 26.68 0.64 7.74
N VAL D 202 25.49 1.02 8.21
CA VAL D 202 24.97 1.10 9.60
C VAL D 202 25.49 2.29 10.39
N ASN D 203 24.61 3.27 10.54
CA ASN D 203 24.96 4.56 11.09
C ASN D 203 23.67 5.19 11.62
N HIS D 204 23.66 5.49 12.91
CA HIS D 204 22.53 6.18 13.49
C HIS D 204 22.89 7.57 13.95
N LYS D 205 22.88 8.49 13.00
CA LYS D 205 23.21 9.90 13.22
C LYS D 205 22.62 10.40 14.55
N PRO D 206 21.28 10.29 14.74
CA PRO D 206 20.66 10.90 15.92
C PRO D 206 21.23 10.43 17.24
N SER D 207 21.97 9.34 17.21
CA SER D 207 22.65 8.90 18.41
C SER D 207 24.15 8.81 18.18
N ASN D 208 24.65 9.58 17.21
CA ASN D 208 26.08 9.61 16.88
C ASN D 208 26.70 8.20 16.82
N THR D 209 25.88 7.22 16.45
CA THR D 209 26.30 5.81 16.40
C THR D 209 26.72 5.43 14.97
N LYS D 210 27.62 4.46 14.91
CA LYS D 210 28.11 3.88 13.67
C LYS D 210 28.57 2.49 14.10
N VAL D 211 28.16 1.48 13.35
CA VAL D 211 28.53 0.09 13.66
C VAL D 211 28.80 -0.73 12.39
N ASP D 212 29.81 -1.60 12.43
CA ASP D 212 30.23 -2.44 11.30
C ASP D 212 30.25 -3.91 11.72
N LYS D 213 29.58 -4.77 10.94
CA LYS D 213 29.49 -6.20 11.28
C LYS D 213 29.83 -7.15 10.13
N LYS D 214 30.89 -7.96 10.30
CA LYS D 214 31.14 -9.07 9.38
C LYS D 214 29.92 -10.00 9.36
N VAL D 215 29.60 -10.55 8.19
CA VAL D 215 28.58 -11.58 8.12
C VAL D 215 29.25 -12.89 7.72
N GLU D 216 29.12 -13.90 8.57
CA GLU D 216 29.75 -15.20 8.30
C GLU D 216 28.74 -16.35 8.22
N PRO D 217 29.02 -17.35 7.34
CA PRO D 217 28.28 -18.63 7.38
C PRO D 217 28.63 -19.47 8.60
N VAL E 3 25.15 4.84 -35.22
CA VAL E 3 23.86 5.21 -34.50
C VAL E 3 22.73 5.76 -35.38
N MET E 4 21.51 5.23 -35.21
CA MET E 4 20.42 5.45 -36.16
C MET E 4 19.21 6.24 -35.66
N SER E 5 19.29 7.55 -35.83
CA SER E 5 18.17 8.40 -35.53
C SER E 5 17.12 8.39 -36.64
N GLN E 6 15.91 7.89 -36.34
CA GLN E 6 14.80 7.86 -37.28
C GLN E 6 13.73 8.86 -36.84
N SER E 7 12.92 9.34 -37.80
CA SER E 7 11.92 10.39 -37.53
C SER E 7 11.02 10.60 -38.73
N PRO E 8 9.75 10.93 -38.50
CA PRO E 8 9.16 11.01 -37.16
C PRO E 8 8.98 9.64 -36.58
N SER E 9 8.63 9.64 -35.30
CA SER E 9 8.35 8.44 -34.58
C SER E 9 7.03 7.86 -35.08
N SER E 10 6.20 8.72 -35.67
CA SER E 10 4.93 8.27 -36.18
C SER E 10 4.36 9.28 -37.15
N LEU E 11 3.58 8.78 -38.10
CA LEU E 11 3.12 9.52 -39.26
C LEU E 11 1.70 9.12 -39.55
N ALA E 12 0.80 10.08 -39.57
CA ALA E 12 -0.58 9.81 -39.94
C ALA E 12 -0.78 10.35 -41.33
N VAL E 13 -1.30 9.51 -42.21
CA VAL E 13 -1.37 9.82 -43.59
C VAL E 13 -2.62 9.22 -44.20
N SER E 14 -3.32 10.00 -45.02
CA SER E 14 -4.49 9.51 -45.77
C SER E 14 -4.02 8.65 -46.90
N ALA E 15 -4.95 7.83 -47.40
CA ALA E 15 -4.72 6.82 -48.46
C ALA E 15 -4.19 7.36 -49.79
N GLY E 16 -4.71 8.49 -50.26
CA GLY E 16 -4.11 9.06 -51.46
C GLY E 16 -2.63 9.38 -51.28
N GLU E 17 -2.32 9.91 -50.10
CA GLU E 17 -1.14 10.72 -49.89
C GLU E 17 0.20 10.06 -50.23
N LYS E 18 1.20 10.90 -50.40
CA LYS E 18 2.58 10.52 -50.49
C LYS E 18 3.16 10.69 -49.08
N VAL E 19 3.93 9.73 -48.62
CA VAL E 19 4.61 9.90 -47.36
C VAL E 19 6.11 9.75 -47.53
N THR E 20 6.85 10.53 -46.75
CA THR E 20 8.28 10.35 -46.63
C THR E 20 8.67 10.33 -45.17
N MET E 21 9.69 9.53 -44.85
CA MET E 21 10.23 9.48 -43.51
C MET E 21 11.78 9.44 -43.54
N SER E 22 12.40 9.93 -42.48
CA SER E 22 13.80 10.18 -42.49
C SER E 22 14.53 9.16 -41.66
N CYS E 23 15.79 8.92 -42.01
CA CYS E 23 16.66 8.09 -41.21
C CYS E 23 18.01 8.79 -41.33
N LYS E 24 18.69 9.01 -40.19
CA LYS E 24 19.98 9.72 -40.20
C LYS E 24 21.05 8.98 -39.37
N SER E 25 22.29 8.99 -39.85
CA SER E 25 23.33 8.21 -39.21
C SER E 25 24.43 9.08 -38.61
N SER E 26 24.67 8.88 -37.33
CA SER E 26 25.81 9.49 -36.65
C SER E 26 27.09 9.55 -37.48
N GLN E 27 27.24 8.65 -38.45
CA GLN E 27 28.43 8.65 -39.28
C GLN E 27 28.05 8.20 -40.66
N SER E 28 28.84 8.58 -41.66
CA SER E 28 28.53 8.30 -43.06
C SER E 28 28.49 6.81 -43.37
N LEU E 29 27.71 6.47 -44.40
CA LEU E 29 27.47 5.06 -44.72
C LEU E 29 27.93 4.61 -46.12
N LEU E 30 28.64 5.45 -46.88
CA LEU E 30 29.13 5.00 -48.20
C LEU E 30 30.49 4.30 -48.10
N ASN E 31 30.53 3.05 -48.56
CA ASN E 31 31.81 2.34 -48.66
C ASN E 31 32.42 2.81 -49.97
N SER E 32 33.47 3.61 -49.84
CA SER E 32 34.08 4.32 -50.99
C SER E 32 34.58 3.41 -52.12
N ARG E 33 35.20 2.27 -51.76
CA ARG E 33 35.63 1.28 -52.76
C ARG E 33 34.43 0.82 -53.61
N THR E 34 33.31 0.58 -52.93
CA THR E 34 32.13 -0.04 -53.54
C THR E 34 31.01 0.95 -53.96
N ARG E 35 31.19 2.21 -53.59
CA ARG E 35 30.34 3.30 -54.08
C ARG E 35 28.87 3.05 -53.71
N LYS E 36 28.64 2.54 -52.50
CA LYS E 36 27.29 2.22 -52.03
C LYS E 36 27.10 2.43 -50.53
N ASN E 37 26.01 3.10 -50.19
CA ASN E 37 25.51 3.26 -48.80
C ASN E 37 24.94 1.96 -48.29
N TYR E 38 25.50 1.42 -47.20
CA TYR E 38 24.98 0.18 -46.59
C TYR E 38 23.76 0.37 -45.63
N LEU E 39 22.64 0.80 -46.23
CA LEU E 39 21.48 1.19 -45.45
C LEU E 39 20.28 0.44 -45.98
N ALA E 40 19.54 -0.21 -45.08
CA ALA E 40 18.40 -1.02 -45.50
C ALA E 40 17.08 -0.50 -44.90
N TRP E 41 15.94 -0.98 -45.42
CA TRP E 41 14.60 -0.53 -44.94
C TRP E 41 13.80 -1.74 -44.74
N TYR E 42 13.29 -1.89 -43.52
CA TYR E 42 12.44 -2.96 -43.19
C TYR E 42 10.99 -2.46 -42.95
N GLN E 43 10.04 -3.31 -43.26
CA GLN E 43 8.66 -3.03 -42.92
C GLN E 43 8.16 -4.09 -41.92
N GLN E 44 7.55 -3.68 -40.82
CA GLN E 44 6.90 -4.67 -40.03
C GLN E 44 5.39 -4.40 -39.91
N LYS E 45 4.57 -5.30 -40.41
CA LYS E 45 3.10 -5.12 -40.24
C LYS E 45 2.76 -5.76 -38.91
N PRO E 46 1.62 -5.36 -38.27
CA PRO E 46 1.16 -6.04 -37.01
C PRO E 46 1.11 -7.51 -37.37
N GLY E 47 1.83 -8.39 -36.68
CA GLY E 47 2.34 -9.50 -37.50
C GLY E 47 2.79 -10.76 -36.90
N GLN E 48 3.93 -11.35 -37.29
CA GLN E 48 4.88 -10.93 -38.37
C GLN E 48 5.55 -9.62 -38.02
N SER E 49 6.86 -9.57 -37.90
CA SER E 49 7.92 -10.32 -38.53
C SER E 49 8.22 -9.48 -39.73
N PRO E 50 9.30 -8.71 -39.64
CA PRO E 50 9.65 -7.69 -40.60
C PRO E 50 10.34 -8.25 -41.84
N THR E 51 10.09 -7.60 -42.96
CA THR E 51 10.68 -8.04 -44.24
C THR E 51 11.48 -6.91 -44.78
N LYS E 52 12.54 -7.23 -45.48
CA LYS E 52 13.37 -6.20 -46.11
C LYS E 52 12.66 -5.59 -47.35
N LEU E 53 12.61 -4.27 -47.41
CA LEU E 53 11.95 -3.53 -48.49
C LEU E 53 12.97 -2.97 -49.39
N ILE E 54 14.03 -2.42 -48.82
CA ILE E 54 15.10 -1.80 -49.61
C ILE E 54 16.46 -2.17 -49.04
N TYR E 55 17.46 -2.21 -49.90
CA TYR E 55 18.87 -2.34 -49.47
C TYR E 55 19.75 -1.45 -50.32
N TRP E 56 20.99 -1.25 -49.87
CA TRP E 56 21.92 -0.26 -50.39
C TRP E 56 21.24 1.04 -50.68
N ALA E 57 20.39 1.47 -49.74
CA ALA E 57 19.79 2.80 -49.77
C ALA E 57 18.59 2.95 -50.67
N SER E 58 18.61 2.35 -51.85
CA SER E 58 17.66 2.75 -52.88
C SER E 58 17.12 1.60 -53.72
N THR E 59 17.83 0.49 -53.70
CA THR E 59 17.50 -0.69 -54.49
C THR E 59 16.46 -1.53 -53.80
N ARG E 60 15.32 -1.72 -54.46
CA ARG E 60 14.27 -2.56 -53.86
C ARG E 60 14.62 -4.04 -53.92
N GLU E 61 14.37 -4.74 -52.82
CA GLU E 61 14.18 -6.18 -52.87
C GLU E 61 13.08 -6.52 -53.90
N SER E 62 13.28 -7.63 -54.60
CA SER E 62 12.29 -8.21 -55.51
C SER E 62 10.95 -8.32 -54.84
N GLY E 63 9.92 -8.31 -55.65
CA GLY E 63 8.57 -8.41 -55.15
C GLY E 63 8.08 -7.09 -54.61
N VAL E 64 8.97 -6.15 -54.29
CA VAL E 64 8.47 -4.94 -53.64
C VAL E 64 8.10 -3.86 -54.63
N PRO E 65 6.85 -3.32 -54.50
CA PRO E 65 6.24 -2.26 -55.33
C PRO E 65 7.11 -1.06 -55.66
N ASP E 66 6.74 -0.34 -56.70
CA ASP E 66 7.49 0.84 -57.10
C ASP E 66 7.22 2.04 -56.21
N ARG E 67 6.10 2.03 -55.48
CA ARG E 67 5.78 3.16 -54.57
C ARG E 67 6.76 3.27 -53.39
N PHE E 68 7.42 2.16 -53.07
CA PHE E 68 8.44 2.16 -52.06
C PHE E 68 9.76 2.64 -52.64
N THR E 69 10.10 3.88 -52.32
CA THR E 69 11.37 4.40 -52.81
C THR E 69 12.24 4.83 -51.68
N GLY E 70 13.48 4.35 -51.70
CA GLY E 70 14.46 4.78 -50.72
C GLY E 70 15.40 5.72 -51.38
N SER E 71 15.89 6.72 -50.67
CA SER E 71 16.93 7.57 -51.25
C SER E 71 17.82 8.16 -50.18
N GLY E 72 18.71 9.04 -50.59
CA GLY E 72 19.63 9.69 -49.70
C GLY E 72 20.97 9.01 -49.84
N SER E 73 21.93 9.52 -49.09
CA SER E 73 23.30 9.03 -49.13
C SER E 73 24.13 9.60 -47.96
N GLY E 74 25.19 8.90 -47.59
CA GLY E 74 26.06 9.36 -46.50
C GLY E 74 25.47 9.27 -45.10
N THR E 75 24.59 10.20 -44.81
CA THR E 75 24.16 10.42 -43.44
C THR E 75 22.64 10.64 -43.39
N ASP E 76 22.10 11.20 -44.46
CA ASP E 76 20.66 11.46 -44.49
C ASP E 76 20.04 10.54 -45.47
N PHE E 77 19.01 9.85 -45.00
CA PHE E 77 18.31 8.94 -45.86
C PHE E 77 16.84 9.11 -45.67
N THR E 78 16.06 8.67 -46.65
CA THR E 78 14.62 8.83 -46.58
C THR E 78 13.95 7.69 -47.32
N LEU E 79 12.76 7.34 -46.87
CA LEU E 79 11.98 6.29 -47.50
C LEU E 79 10.66 6.93 -47.76
N THR E 80 10.20 6.81 -49.01
CA THR E 80 9.01 7.51 -49.48
C THR E 80 8.03 6.46 -49.92
N ILE E 81 6.74 6.71 -49.68
CA ILE E 81 5.64 5.86 -50.24
C ILE E 81 4.56 6.67 -50.99
N SER E 82 4.41 6.39 -52.28
CA SER E 82 3.73 7.28 -53.24
C SER E 82 2.24 7.42 -53.00
N SER E 83 1.51 6.34 -53.25
CA SER E 83 0.10 6.36 -52.97
C SER E 83 -0.13 5.24 -52.00
N VAL E 84 0.17 5.57 -50.74
CA VAL E 84 0.08 4.65 -49.62
C VAL E 84 -1.25 3.92 -49.55
N GLN E 85 -1.18 2.61 -49.30
CA GLN E 85 -2.35 1.78 -49.16
C GLN E 85 -2.56 1.53 -47.68
N ALA E 86 -3.82 1.31 -47.28
CA ALA E 86 -4.11 1.03 -45.89
C ALA E 86 -3.32 -0.20 -45.40
N GLU E 87 -2.86 -0.98 -46.38
CA GLU E 87 -2.09 -2.19 -46.19
C GLU E 87 -0.69 -1.90 -45.71
N ASP E 88 -0.22 -0.69 -45.99
CA ASP E 88 1.14 -0.27 -45.66
C ASP E 88 1.23 0.12 -44.21
N LEU E 89 0.08 0.10 -43.55
CA LEU E 89 0.00 0.32 -42.12
C LEU E 89 1.03 -0.64 -41.52
N ALA E 90 1.97 -0.06 -40.78
CA ALA E 90 3.13 -0.77 -40.33
C ALA E 90 4.11 0.12 -39.63
N VAL E 91 5.15 -0.49 -39.12
CA VAL E 91 6.27 0.27 -38.61
C VAL E 91 7.41 0.01 -39.56
N TYR E 92 8.18 1.04 -39.88
CA TYR E 92 9.31 0.97 -40.84
C TYR E 92 10.57 1.26 -40.11
N TYR E 93 11.62 0.48 -40.39
CA TYR E 93 12.87 0.51 -39.64
C TYR E 93 14.03 0.55 -40.62
N CYS E 94 15.06 1.30 -40.30
CA CYS E 94 16.22 1.33 -41.15
C CYS E 94 17.35 0.60 -40.48
N LYS E 95 18.11 -0.16 -41.26
CA LYS E 95 19.24 -0.88 -40.71
C LYS E 95 20.46 -0.48 -41.49
N GLN E 96 21.46 0.07 -40.81
CA GLN E 96 22.78 0.23 -41.43
C GLN E 96 23.60 -1.04 -41.24
N SER E 97 24.44 -1.37 -42.22
CA SER E 97 25.28 -2.59 -42.21
C SER E 97 26.75 -2.23 -42.41
N TYR E 98 27.03 -0.93 -42.59
CA TYR E 98 28.40 -0.45 -42.64
C TYR E 98 28.99 -0.61 -41.26
N ASP E 99 29.87 -1.58 -41.10
CA ASP E 99 30.25 -2.11 -39.76
C ASP E 99 29.03 -2.56 -38.88
N LEU E 100 29.32 -2.94 -37.63
CA LEU E 100 28.35 -3.62 -36.77
C LEU E 100 26.98 -3.01 -36.84
N PRO E 101 26.03 -3.76 -37.43
CA PRO E 101 24.68 -3.34 -37.82
C PRO E 101 23.84 -2.87 -36.64
N THR E 102 23.13 -1.76 -36.83
CA THR E 102 22.25 -1.17 -35.83
C THR E 102 20.95 -0.68 -36.50
N PHE E 103 19.84 -0.76 -35.80
CA PHE E 103 18.55 -0.28 -36.31
C PHE E 103 18.09 1.05 -35.75
N GLY E 104 17.39 1.83 -36.54
CA GLY E 104 16.70 3.00 -35.99
C GLY E 104 15.48 2.58 -35.17
N ALA E 105 14.98 3.49 -34.35
CA ALA E 105 13.88 3.11 -33.46
C ALA E 105 12.60 2.76 -34.25
N GLY E 106 12.48 3.24 -35.48
CA GLY E 106 11.34 2.90 -36.30
C GLY E 106 10.38 4.07 -36.48
N THR E 107 9.58 4.04 -37.53
CA THR E 107 8.52 5.01 -37.71
C THR E 107 7.17 4.31 -37.82
N LYS E 108 6.26 4.65 -36.91
CA LYS E 108 4.94 4.03 -36.91
C LYS E 108 4.18 4.73 -38.01
N LEU E 109 3.77 4.02 -39.04
CA LEU E 109 2.93 4.65 -40.03
C LEU E 109 1.43 4.45 -39.73
N GLU E 110 0.74 5.52 -39.40
CA GLU E 110 -0.72 5.42 -39.14
C GLU E 110 -1.57 5.96 -40.28
N LEU E 111 -2.67 5.30 -40.54
CA LEU E 111 -3.59 5.76 -41.55
C LEU E 111 -4.47 6.86 -40.99
N LYS E 112 -4.69 7.89 -41.80
CA LYS E 112 -5.68 8.90 -41.54
C LYS E 112 -6.95 8.50 -42.29
N ARG E 113 -8.11 8.82 -41.73
CA ARG E 113 -9.41 8.48 -42.35
C ARG E 113 -10.53 9.28 -41.69
N SER E 114 -11.72 9.18 -42.26
CA SER E 114 -12.77 10.07 -41.80
C SER E 114 -13.16 9.71 -40.37
N VAL E 115 -13.44 10.71 -39.56
CA VAL E 115 -14.04 10.47 -38.27
C VAL E 115 -15.17 9.45 -38.40
N ALA E 116 -15.16 8.52 -37.46
CA ALA E 116 -16.09 7.42 -37.40
C ALA E 116 -16.41 7.18 -35.96
N ALA E 117 -17.71 7.23 -35.66
CA ALA E 117 -18.21 6.97 -34.32
C ALA E 117 -18.02 5.50 -34.02
N PRO E 118 -17.75 5.16 -32.76
CA PRO E 118 -17.65 3.77 -32.35
C PRO E 118 -19.03 3.17 -32.23
N SER E 119 -19.09 1.86 -32.48
CA SER E 119 -20.21 1.07 -32.09
C SER E 119 -19.97 0.58 -30.67
N VAL E 120 -20.84 0.94 -29.75
CA VAL E 120 -20.68 0.56 -28.34
C VAL E 120 -21.47 -0.69 -27.90
N PHE E 121 -20.75 -1.68 -27.37
CA PHE E 121 -21.36 -2.93 -26.90
C PHE E 121 -20.98 -3.27 -25.47
N ILE E 122 -21.92 -3.82 -24.71
CA ILE E 122 -21.58 -4.16 -23.35
C ILE E 122 -21.73 -5.64 -23.05
N PHE E 123 -20.90 -6.17 -22.17
CA PHE E 123 -20.95 -7.61 -21.86
C PHE E 123 -20.93 -7.91 -20.35
N PRO E 124 -22.06 -8.42 -19.81
CA PRO E 124 -22.08 -8.86 -18.42
C PRO E 124 -21.01 -9.91 -18.25
N PRO E 125 -20.61 -10.18 -17.01
CA PRO E 125 -19.75 -11.36 -16.84
C PRO E 125 -20.52 -12.64 -17.15
N SER E 126 -19.77 -13.63 -17.66
CA SER E 126 -20.26 -14.96 -17.91
C SER E 126 -20.54 -15.74 -16.61
N ASP E 127 -21.59 -16.55 -16.63
CA ASP E 127 -21.91 -17.38 -15.48
C ASP E 127 -20.70 -18.20 -14.98
N GLU E 128 -19.97 -18.80 -15.91
CA GLU E 128 -18.77 -19.57 -15.56
C GLU E 128 -17.68 -18.80 -14.81
N GLN E 129 -17.59 -17.49 -15.03
CA GLN E 129 -16.59 -16.70 -14.33
C GLN E 129 -17.03 -16.33 -12.93
N LEU E 130 -18.30 -15.95 -12.81
CA LEU E 130 -18.87 -15.59 -11.51
C LEU E 130 -18.64 -16.71 -10.50
N LYS E 131 -18.87 -17.94 -10.94
CA LYS E 131 -18.65 -19.08 -10.07
C LYS E 131 -17.15 -19.38 -9.80
N SER E 132 -16.26 -18.47 -10.20
CA SER E 132 -14.87 -18.50 -9.72
C SER E 132 -14.56 -17.23 -8.91
N GLY E 133 -15.62 -16.51 -8.52
CA GLY E 133 -15.47 -15.39 -7.60
C GLY E 133 -14.86 -14.16 -8.24
N THR E 134 -14.86 -14.11 -9.56
CA THR E 134 -14.40 -12.94 -10.28
C THR E 134 -15.48 -12.46 -11.26
N ALA E 135 -15.55 -11.16 -11.47
CA ALA E 135 -16.53 -10.58 -12.39
C ALA E 135 -15.86 -9.62 -13.33
N SER E 136 -15.89 -9.97 -14.61
CA SER E 136 -15.34 -9.07 -15.61
C SER E 136 -16.47 -8.53 -16.45
N VAL E 137 -16.63 -7.22 -16.40
CA VAL E 137 -17.57 -6.56 -17.26
C VAL E 137 -16.82 -5.86 -18.41
N VAL E 138 -17.21 -6.18 -19.65
CA VAL E 138 -16.48 -5.73 -20.84
C VAL E 138 -17.26 -4.75 -21.66
N CYS E 139 -16.58 -3.64 -21.98
CA CYS E 139 -17.14 -2.59 -22.80
C CYS E 139 -16.39 -2.57 -24.11
N LEU E 140 -17.12 -2.72 -25.20
CA LEU E 140 -16.53 -2.86 -26.50
C LEU E 140 -16.88 -1.66 -27.34
N LEU E 141 -15.85 -1.02 -27.87
CA LEU E 141 -16.08 0.08 -28.76
C LEU E 141 -15.58 -0.35 -30.10
N ASN E 142 -16.50 -0.51 -31.04
CA ASN E 142 -16.08 -1.10 -32.29
C ASN E 142 -15.95 -0.11 -33.41
N ASN E 143 -14.88 -0.31 -34.19
CA ASN E 143 -14.61 0.37 -35.47
C ASN E 143 -14.80 1.85 -35.47
N PHE E 144 -13.89 2.58 -34.82
CA PHE E 144 -14.01 4.04 -34.79
C PHE E 144 -12.64 4.68 -35.11
N TYR E 145 -12.68 5.96 -35.53
CA TYR E 145 -11.54 6.80 -35.67
C TYR E 145 -12.01 8.18 -35.23
N PRO E 146 -11.16 8.96 -34.52
CA PRO E 146 -9.81 8.52 -34.18
C PRO E 146 -9.71 7.64 -32.94
N ARG E 147 -8.48 7.46 -32.48
CA ARG E 147 -8.02 6.39 -31.60
C ARG E 147 -8.65 6.07 -30.23
N GLU E 148 -8.91 6.88 -29.21
CA GLU E 148 -8.72 8.25 -28.67
C GLU E 148 -10.13 8.46 -28.13
N ALA E 149 -10.46 7.76 -27.03
CA ALA E 149 -11.82 7.73 -26.51
C ALA E 149 -11.89 7.75 -24.97
N LYS E 150 -12.88 8.42 -24.41
CA LYS E 150 -13.10 8.34 -22.97
C LYS E 150 -14.12 7.25 -22.69
N VAL E 151 -13.69 6.18 -22.06
CA VAL E 151 -14.65 5.23 -21.54
C VAL E 151 -14.71 5.35 -20.01
N GLN E 152 -15.88 5.69 -19.47
CA GLN E 152 -15.96 5.80 -18.04
C GLN E 152 -16.92 4.77 -17.55
N TRP E 153 -16.58 4.20 -16.41
CA TRP E 153 -17.41 3.20 -15.81
C TRP E 153 -18.23 3.77 -14.71
N LYS E 154 -19.46 3.27 -14.62
CA LYS E 154 -20.36 3.70 -13.57
C LYS E 154 -21.11 2.53 -12.99
N VAL E 155 -20.99 2.38 -11.68
CA VAL E 155 -21.77 1.43 -10.96
C VAL E 155 -22.92 2.20 -10.30
N ASP E 156 -24.13 1.77 -10.66
CA ASP E 156 -25.36 2.51 -10.37
C ASP E 156 -25.31 3.98 -10.87
N ASN E 157 -24.85 4.90 -10.03
CA ASN E 157 -24.60 6.26 -10.52
C ASN E 157 -23.16 6.69 -10.33
N ALA E 158 -22.30 5.78 -9.90
CA ALA E 158 -21.04 6.19 -9.32
C ALA E 158 -19.81 5.85 -10.14
N LEU E 159 -19.15 6.90 -10.61
CA LEU E 159 -17.97 6.78 -11.47
C LEU E 159 -16.93 5.86 -10.81
N GLN E 160 -16.19 5.10 -11.62
CA GLN E 160 -15.18 4.21 -11.08
C GLN E 160 -13.78 4.69 -11.42
N SER E 161 -12.78 3.97 -10.87
CA SER E 161 -11.35 4.12 -11.19
C SER E 161 -10.56 3.38 -10.13
N GLY E 162 -9.39 2.88 -10.46
CA GLY E 162 -9.02 2.49 -11.79
C GLY E 162 -8.99 0.98 -11.61
N ASN E 163 -10.06 0.31 -12.04
CA ASN E 163 -10.21 -1.12 -11.90
C ASN E 163 -10.82 -1.68 -13.18
N SER E 164 -11.04 -0.76 -14.12
CA SER E 164 -11.13 -1.06 -15.53
C SER E 164 -9.71 -0.93 -16.09
N GLN E 165 -9.41 -1.70 -17.15
CA GLN E 165 -8.24 -1.45 -18.02
C GLN E 165 -8.65 -1.53 -19.53
N GLU E 166 -7.84 -0.92 -20.39
CA GLU E 166 -8.17 -0.78 -21.80
C GLU E 166 -7.22 -1.52 -22.70
N SER E 167 -7.77 -2.06 -23.77
CA SER E 167 -6.97 -2.54 -24.90
C SER E 167 -7.48 -1.94 -26.26
N VAL E 168 -6.56 -1.40 -27.04
CA VAL E 168 -6.91 -0.89 -28.35
C VAL E 168 -6.38 -1.88 -29.35
N THR E 169 -7.11 -2.16 -30.41
CA THR E 169 -6.52 -3.00 -31.45
C THR E 169 -5.54 -2.19 -32.27
N GLU E 170 -4.83 -2.87 -33.15
CA GLU E 170 -4.03 -2.15 -34.10
C GLU E 170 -5.01 -1.63 -35.10
N GLN E 171 -4.62 -0.59 -35.84
CA GLN E 171 -5.49 0.03 -36.87
C GLN E 171 -5.95 -1.02 -37.87
N ASP E 172 -7.21 -1.00 -38.26
CA ASP E 172 -7.70 -2.06 -39.11
C ASP E 172 -7.02 -1.92 -40.47
N SER E 173 -6.42 -2.99 -40.97
CA SER E 173 -5.72 -2.97 -42.28
C SER E 173 -6.62 -2.64 -43.50
N LYS E 174 -7.91 -2.96 -43.41
CA LYS E 174 -8.86 -2.69 -44.50
C LYS E 174 -9.53 -1.31 -44.39
N ASP E 175 -10.37 -1.12 -43.36
CA ASP E 175 -11.19 0.09 -43.18
C ASP E 175 -10.57 1.20 -42.27
N SER E 176 -9.37 0.93 -41.75
CA SER E 176 -8.54 1.92 -41.02
C SER E 176 -9.00 2.32 -39.62
N THR E 177 -9.88 1.52 -39.02
CA THR E 177 -10.49 1.90 -37.75
C THR E 177 -9.79 1.21 -36.59
N TYR E 178 -10.14 1.67 -35.39
CA TYR E 178 -9.69 1.08 -34.14
C TYR E 178 -10.86 0.33 -33.48
N SER E 179 -10.51 -0.60 -32.60
CA SER E 179 -11.45 -1.16 -31.64
C SER E 179 -10.86 -1.10 -30.26
N LEU E 180 -11.74 -0.93 -29.28
CA LEU E 180 -11.31 -0.75 -27.92
C LEU E 180 -12.15 -1.58 -26.97
N SER E 181 -11.48 -2.29 -26.06
CA SER E 181 -12.21 -2.97 -24.99
C SER E 181 -11.91 -2.27 -23.70
N SER E 182 -12.96 -2.11 -22.91
CA SER E 182 -12.78 -1.61 -21.56
C SER E 182 -13.30 -2.68 -20.62
N THR E 183 -12.49 -3.02 -19.63
CA THR E 183 -12.73 -4.22 -18.84
C THR E 183 -12.68 -3.83 -17.38
N LEU E 184 -13.81 -4.00 -16.71
CA LEU E 184 -13.98 -3.64 -15.31
C LEU E 184 -13.91 -4.90 -14.48
N THR E 185 -12.89 -5.01 -13.63
CA THR E 185 -12.70 -6.23 -12.83
C THR E 185 -13.09 -6.05 -11.36
N LEU E 186 -14.03 -6.88 -10.92
CA LEU E 186 -14.49 -6.87 -9.53
C LEU E 186 -14.44 -8.26 -8.95
N SER E 187 -14.60 -8.37 -7.63
CA SER E 187 -14.88 -9.63 -6.99
C SER E 187 -16.37 -9.94 -7.20
N LYS E 188 -16.74 -11.23 -7.31
CA LYS E 188 -18.14 -11.65 -7.41
C LYS E 188 -18.95 -10.97 -6.35
N ALA E 189 -18.26 -10.64 -5.24
CA ALA E 189 -18.84 -9.91 -4.13
C ALA E 189 -19.32 -8.52 -4.56
N ASP E 190 -18.38 -7.61 -4.86
CA ASP E 190 -18.74 -6.23 -5.22
C ASP E 190 -19.80 -6.24 -6.32
N TYR E 191 -19.63 -7.16 -7.26
CA TYR E 191 -20.53 -7.24 -8.38
C TYR E 191 -21.96 -7.50 -7.93
N GLU E 192 -22.17 -8.57 -7.18
CA GLU E 192 -23.53 -8.96 -6.78
C GLU E 192 -24.17 -7.92 -5.85
N LYS E 193 -23.35 -7.04 -5.29
CA LYS E 193 -23.83 -5.88 -4.49
C LYS E 193 -24.70 -4.90 -5.31
N HIS E 194 -24.20 -4.51 -6.49
CA HIS E 194 -24.83 -3.47 -7.29
C HIS E 194 -25.68 -4.01 -8.41
N LYS E 195 -26.49 -3.13 -9.01
CA LYS E 195 -27.44 -3.50 -10.07
C LYS E 195 -27.09 -2.93 -11.47
N VAL E 196 -26.82 -1.63 -11.50
CA VAL E 196 -26.64 -0.90 -12.76
C VAL E 196 -25.18 -0.73 -13.17
N TYR E 197 -24.87 -1.28 -14.32
CA TYR E 197 -23.54 -1.24 -14.80
C TYR E 197 -23.62 -0.55 -16.11
N ALA E 198 -22.76 0.45 -16.29
CA ALA E 198 -22.79 1.31 -17.45
C ALA E 198 -21.39 1.77 -17.81
N CYS E 199 -21.10 1.75 -19.11
CA CYS E 199 -19.91 2.43 -19.64
C CYS E 199 -20.34 3.62 -20.51
N GLU E 200 -19.69 4.74 -20.25
CA GLU E 200 -19.97 6.00 -20.88
C GLU E 200 -18.79 6.36 -21.79
N VAL E 201 -19.11 6.61 -23.05
CA VAL E 201 -18.10 6.80 -24.07
C VAL E 201 -18.18 8.20 -24.62
N THR E 202 -17.03 8.86 -24.68
CA THR E 202 -16.93 10.16 -25.28
C THR E 202 -15.88 10.06 -26.36
N HIS E 203 -16.22 10.62 -27.54
CA HIS E 203 -15.40 10.46 -28.72
C HIS E 203 -15.70 11.50 -29.73
N GLN E 204 -14.62 12.01 -30.31
CA GLN E 204 -14.65 13.01 -31.37
C GLN E 204 -15.86 12.92 -32.32
N GLY E 205 -16.27 11.71 -32.67
CA GLY E 205 -17.33 11.52 -33.64
C GLY E 205 -18.72 11.38 -33.05
N LEU E 206 -18.82 11.57 -31.73
CA LEU E 206 -20.08 11.46 -31.04
C LEU E 206 -20.53 12.84 -30.60
N SER E 207 -21.76 13.22 -31.00
CA SER E 207 -22.32 14.55 -30.70
C SER E 207 -22.35 14.78 -29.19
N SER E 208 -22.74 13.74 -28.47
CA SER E 208 -22.82 13.78 -27.02
C SER E 208 -22.37 12.40 -26.55
N PRO E 209 -21.92 12.29 -25.29
CA PRO E 209 -21.53 10.99 -24.72
C PRO E 209 -22.56 9.84 -24.91
N VAL E 210 -22.07 8.63 -25.18
CA VAL E 210 -22.95 7.49 -25.33
C VAL E 210 -22.74 6.58 -24.14
N THR E 211 -23.85 6.00 -23.68
CA THR E 211 -23.84 5.12 -22.51
C THR E 211 -24.56 3.82 -22.83
N LYS E 212 -23.88 2.70 -22.61
CA LYS E 212 -24.54 1.41 -22.64
C LYS E 212 -24.60 0.87 -21.23
N SER E 213 -25.75 0.31 -20.88
CA SER E 213 -26.02 -0.15 -19.52
C SER E 213 -26.80 -1.44 -19.45
N PHE E 214 -26.59 -2.18 -18.38
CA PHE E 214 -27.47 -3.27 -18.05
C PHE E 214 -27.75 -3.32 -16.56
N ASN E 215 -28.83 -4.02 -16.22
CA ASN E 215 -29.17 -4.37 -14.85
C ASN E 215 -28.66 -5.76 -14.60
N ARG E 216 -28.05 -5.95 -13.44
CA ARG E 216 -27.55 -7.28 -13.08
C ARG E 216 -28.73 -8.16 -12.69
N VAL F 2 13.92 -21.41 -49.26
CA VAL F 2 14.62 -20.96 -48.01
C VAL F 2 13.67 -20.78 -46.81
N GLN F 3 14.21 -21.08 -45.63
CA GLN F 3 13.40 -21.19 -44.44
C GLN F 3 14.30 -21.25 -43.23
N LEU F 4 13.88 -20.54 -42.19
CA LEU F 4 14.56 -20.57 -40.92
C LEU F 4 13.55 -20.91 -39.84
N LYS F 5 13.95 -21.77 -38.92
CA LYS F 5 13.12 -22.06 -37.77
C LYS F 5 13.85 -21.80 -36.46
N GLU F 6 13.25 -20.94 -35.64
CA GLU F 6 13.72 -20.75 -34.27
C GLU F 6 13.05 -21.74 -33.34
N SER F 7 13.82 -22.33 -32.42
CA SER F 7 13.28 -23.12 -31.32
C SER F 7 14.02 -22.82 -30.06
N GLY F 8 13.27 -22.75 -28.97
CA GLY F 8 13.83 -22.35 -27.71
C GLY F 8 12.75 -22.37 -26.66
N PRO F 9 13.10 -21.94 -25.44
CA PRO F 9 12.31 -22.25 -24.25
C PRO F 9 10.86 -21.70 -24.25
N GLY F 10 10.71 -20.39 -24.38
CA GLY F 10 9.41 -19.76 -24.23
C GLY F 10 9.38 -18.99 -22.93
N LEU F 11 9.82 -19.69 -21.88
CA LEU F 11 9.84 -19.20 -20.51
C LEU F 11 11.16 -19.62 -19.88
N VAL F 12 11.93 -18.67 -19.38
CA VAL F 12 13.20 -19.00 -18.71
C VAL F 12 13.49 -18.09 -17.52
N ALA F 13 13.95 -18.66 -16.42
CA ALA F 13 14.16 -17.87 -15.18
C ALA F 13 15.37 -16.94 -15.24
N PRO F 14 15.24 -15.74 -14.65
CA PRO F 14 16.36 -14.83 -14.53
C PRO F 14 17.61 -15.54 -14.10
N SER F 15 18.75 -14.95 -14.45
CA SER F 15 20.07 -15.43 -14.05
C SER F 15 20.44 -16.79 -14.70
N GLN F 16 19.41 -17.52 -15.14
CA GLN F 16 19.59 -18.77 -15.88
C GLN F 16 20.16 -18.48 -17.27
N SER F 17 20.38 -19.52 -18.08
CA SER F 17 20.92 -19.29 -19.42
C SER F 17 19.86 -19.56 -20.49
N LEU F 18 19.95 -18.81 -21.58
CA LEU F 18 19.03 -18.90 -22.71
C LEU F 18 19.63 -19.65 -23.86
N SER F 19 18.92 -20.66 -24.34
CA SER F 19 19.37 -21.41 -25.51
C SER F 19 18.34 -21.39 -26.63
N ILE F 20 18.73 -20.89 -27.80
CA ILE F 20 17.86 -20.97 -28.98
C ILE F 20 18.57 -21.56 -30.16
N THR F 21 17.84 -22.39 -30.91
CA THR F 21 18.40 -23.07 -32.06
C THR F 21 17.64 -22.57 -33.27
N CYS F 22 18.39 -22.23 -34.30
CA CYS F 22 17.82 -21.84 -35.55
C CYS F 22 18.08 -22.95 -36.51
N THR F 23 17.02 -23.61 -36.95
CA THR F 23 17.16 -24.68 -37.94
C THR F 23 16.81 -24.15 -39.33
N VAL F 24 17.68 -24.46 -40.27
CA VAL F 24 17.64 -23.82 -41.59
C VAL F 24 17.61 -24.86 -42.72
N SER F 25 16.67 -24.69 -43.64
CA SER F 25 16.59 -25.54 -44.84
C SER F 25 16.54 -24.68 -46.11
N GLY F 26 17.27 -25.07 -47.16
CA GLY F 26 17.15 -24.36 -48.42
C GLY F 26 18.36 -23.49 -48.66
N PHE F 27 19.40 -23.71 -47.87
CA PHE F 27 20.73 -23.20 -48.16
C PHE F 27 21.65 -23.69 -47.08
N SER F 28 22.95 -23.56 -47.30
CA SER F 28 23.91 -24.12 -46.38
C SER F 28 24.71 -23.03 -45.72
N LEU F 29 25.11 -23.28 -44.47
CA LEU F 29 25.80 -22.28 -43.66
C LEU F 29 27.31 -22.25 -43.89
N THR F 30 27.78 -23.00 -44.87
CA THR F 30 29.13 -22.80 -45.35
C THR F 30 29.10 -21.55 -46.16
N ASP F 31 27.96 -21.30 -46.79
CA ASP F 31 27.81 -20.23 -47.74
C ASP F 31 27.41 -18.93 -47.06
N TYR F 32 26.41 -19.04 -46.18
CA TYR F 32 25.70 -17.87 -45.67
C TYR F 32 25.95 -17.59 -44.22
N GLY F 33 25.98 -16.30 -43.91
CA GLY F 33 26.04 -15.83 -42.56
C GLY F 33 24.64 -15.96 -41.99
N VAL F 34 24.55 -16.26 -40.71
CA VAL F 34 23.27 -16.18 -40.01
C VAL F 34 23.39 -15.26 -38.79
N SER F 35 22.47 -14.33 -38.73
CA SER F 35 22.49 -13.35 -37.66
C SER F 35 21.28 -13.52 -36.75
N TRP F 36 21.38 -12.91 -35.58
CA TRP F 36 20.31 -12.97 -34.60
C TRP F 36 19.87 -11.59 -34.27
N ILE F 37 18.57 -11.42 -34.18
CA ILE F 37 17.95 -10.15 -33.81
C ILE F 37 16.79 -10.42 -32.82
N ARG F 38 16.57 -9.48 -31.92
CA ARG F 38 15.56 -9.60 -30.89
C ARG F 38 14.76 -8.32 -30.89
N GLN F 39 13.54 -8.47 -30.40
CA GLN F 39 12.62 -7.37 -30.38
C GLN F 39 11.79 -7.43 -29.09
N PRO F 40 12.18 -6.59 -28.10
CA PRO F 40 11.46 -6.57 -26.84
C PRO F 40 10.07 -6.06 -27.13
N PRO F 41 9.04 -6.63 -26.51
CA PRO F 41 7.63 -6.24 -26.76
C PRO F 41 7.44 -4.73 -26.63
N GLY F 42 6.71 -4.15 -27.58
CA GLY F 42 6.49 -2.73 -27.67
C GLY F 42 7.75 -1.94 -27.95
N LYS F 43 8.85 -2.61 -28.28
CA LYS F 43 10.03 -1.86 -28.68
C LYS F 43 10.49 -2.20 -30.10
N GLY F 44 11.64 -1.65 -30.47
CA GLY F 44 12.11 -1.75 -31.84
C GLY F 44 12.92 -2.99 -32.03
N LEU F 45 13.56 -3.11 -33.18
CA LEU F 45 14.50 -4.21 -33.46
C LEU F 45 15.87 -3.95 -32.90
N GLU F 46 16.50 -5.00 -32.37
CA GLU F 46 17.87 -4.92 -31.83
C GLU F 46 18.68 -6.12 -32.32
N TRP F 47 19.82 -5.81 -32.91
CA TRP F 47 20.69 -6.82 -33.49
C TRP F 47 21.53 -7.40 -32.44
N LEU F 48 21.57 -8.73 -32.38
CA LEU F 48 22.34 -9.45 -31.35
C LEU F 48 23.77 -9.81 -31.78
N GLY F 49 23.90 -10.38 -32.96
CA GLY F 49 25.18 -10.68 -33.55
C GLY F 49 24.99 -11.54 -34.79
N VAL F 50 26.10 -12.03 -35.32
CA VAL F 50 26.09 -12.86 -36.51
C VAL F 50 27.25 -13.88 -36.54
N ILE F 51 26.96 -15.05 -37.11
CA ILE F 51 28.03 -15.99 -37.48
C ILE F 51 28.10 -16.15 -39.00
N TRP F 52 29.29 -15.87 -39.54
CA TRP F 52 29.54 -15.85 -40.97
C TRP F 52 29.83 -17.25 -41.47
N GLY F 53 30.11 -17.33 -42.78
CA GLY F 53 30.35 -18.57 -43.49
C GLY F 53 31.40 -19.45 -42.86
N GLY F 54 32.60 -18.88 -42.66
CA GLY F 54 33.71 -19.60 -42.00
C GLY F 54 33.81 -19.45 -40.49
N GLY F 55 32.66 -19.32 -39.82
CA GLY F 55 32.63 -19.35 -38.36
C GLY F 55 33.05 -18.05 -37.69
N SER F 56 33.47 -17.07 -38.48
CA SER F 56 33.82 -15.74 -37.96
C SER F 56 32.54 -15.16 -37.36
N THR F 57 32.66 -14.69 -36.12
CA THR F 57 31.49 -14.29 -35.36
C THR F 57 31.61 -12.87 -34.83
N TYR F 58 30.48 -12.22 -34.59
CA TYR F 58 30.47 -10.84 -34.13
C TYR F 58 29.23 -10.59 -33.34
N TYR F 59 29.31 -9.68 -32.37
CA TYR F 59 28.23 -9.48 -31.39
C TYR F 59 27.81 -7.98 -31.25
N ASN F 60 26.62 -7.67 -30.70
CA ASN F 60 26.33 -6.27 -30.24
C ASN F 60 27.35 -5.93 -29.18
N SER F 61 27.97 -4.75 -29.30
CA SER F 61 29.01 -4.31 -28.37
C SER F 61 28.54 -4.33 -26.92
N ALA F 62 27.30 -3.88 -26.69
CA ALA F 62 26.69 -3.91 -25.37
C ALA F 62 26.54 -5.33 -24.82
N LEU F 63 26.13 -6.29 -25.63
CA LEU F 63 25.83 -7.62 -25.09
C LEU F 63 26.93 -8.67 -25.23
N LYS F 64 28.00 -8.30 -25.95
CA LYS F 64 29.07 -9.25 -26.29
C LYS F 64 29.45 -10.19 -25.14
N SER F 65 29.51 -9.69 -23.91
CA SER F 65 29.98 -10.52 -22.79
C SER F 65 28.94 -11.56 -22.38
N ARG F 66 27.68 -11.31 -22.70
CA ARG F 66 26.63 -12.15 -22.20
C ARG F 66 26.21 -13.15 -23.25
N LEU F 67 26.93 -13.13 -24.37
CA LEU F 67 26.41 -13.69 -25.60
C LEU F 67 27.33 -14.67 -26.32
N SER F 68 26.76 -15.77 -26.77
CA SER F 68 27.51 -16.77 -27.48
C SER F 68 26.75 -17.30 -28.71
N ILE F 69 27.25 -17.01 -29.89
CA ILE F 69 26.71 -17.59 -31.10
C ILE F 69 27.65 -18.63 -31.73
N SER F 70 27.07 -19.75 -32.13
CA SER F 70 27.83 -20.82 -32.73
C SER F 70 26.93 -21.59 -33.69
N LYS F 71 27.52 -22.57 -34.39
CA LYS F 71 26.82 -23.25 -35.47
C LYS F 71 27.30 -24.66 -35.57
N ASP F 72 26.47 -25.49 -36.19
CA ASP F 72 26.86 -26.81 -36.65
C ASP F 72 26.45 -26.94 -38.12
N ASN F 73 27.43 -26.86 -39.03
CA ASN F 73 27.16 -26.96 -40.46
C ASN F 73 26.47 -28.28 -40.74
N SER F 74 27.12 -29.37 -40.35
CA SER F 74 26.58 -30.69 -40.50
C SER F 74 25.09 -30.79 -40.14
N LYS F 75 24.63 -30.08 -39.10
CA LYS F 75 23.24 -30.24 -38.63
C LYS F 75 22.29 -29.21 -39.21
N SER F 76 22.90 -28.25 -39.90
CA SER F 76 22.22 -27.06 -40.44
C SER F 76 21.58 -26.23 -39.36
N GLN F 77 22.31 -26.04 -38.27
CA GLN F 77 21.77 -25.37 -37.11
C GLN F 77 22.64 -24.24 -36.60
N VAL F 78 21.98 -23.17 -36.16
CA VAL F 78 22.69 -22.05 -35.54
C VAL F 78 22.23 -21.97 -34.11
N PHE F 79 23.19 -21.70 -33.23
CA PHE F 79 22.94 -21.62 -31.77
C PHE F 79 23.17 -20.26 -31.17
N LEU F 80 22.19 -19.85 -30.37
CA LEU F 80 22.29 -18.62 -29.62
C LEU F 80 22.24 -18.97 -28.13
N LYS F 81 23.37 -18.69 -27.44
CA LYS F 81 23.43 -18.79 -25.98
C LYS F 81 23.52 -17.40 -25.35
N MET F 82 22.74 -17.19 -24.30
CA MET F 82 22.78 -15.94 -23.52
C MET F 82 22.67 -16.23 -22.03
N ASN F 83 23.63 -15.75 -21.24
CA ASN F 83 23.58 -15.97 -19.79
C ASN F 83 23.33 -14.71 -18.96
N SER F 84 23.21 -14.91 -17.64
CA SER F 84 22.82 -13.87 -16.70
C SER F 84 21.63 -13.06 -17.22
N LEU F 85 20.55 -13.78 -17.53
CA LEU F 85 19.33 -13.19 -18.05
C LEU F 85 18.66 -12.25 -17.08
N GLN F 86 18.21 -11.09 -17.57
CA GLN F 86 17.35 -10.16 -16.82
C GLN F 86 15.97 -10.14 -17.44
N THR F 87 15.07 -9.38 -16.84
CA THR F 87 13.72 -9.23 -17.36
C THR F 87 13.78 -8.62 -18.76
N ASP F 88 14.61 -7.57 -18.91
CA ASP F 88 14.85 -6.81 -20.16
C ASP F 88 15.13 -7.66 -21.37
N ASP F 89 15.53 -8.89 -21.11
CA ASP F 89 15.81 -9.82 -22.15
C ASP F 89 14.58 -10.52 -22.67
N THR F 90 13.39 -10.21 -22.12
CA THR F 90 12.22 -10.83 -22.71
C THR F 90 12.01 -10.17 -24.05
N ALA F 91 11.75 -10.98 -25.05
CA ALA F 91 11.59 -10.49 -26.40
C ALA F 91 11.24 -11.62 -27.31
N MET F 92 10.93 -11.27 -28.55
CA MET F 92 10.84 -12.24 -29.59
C MET F 92 12.24 -12.30 -30.19
N TYR F 93 12.69 -13.50 -30.44
CA TYR F 93 14.02 -13.70 -30.98
C TYR F 93 13.94 -14.33 -32.35
N TYR F 94 14.58 -13.65 -33.31
CA TYR F 94 14.67 -14.06 -34.72
C TYR F 94 16.09 -14.44 -35.07
N CYS F 95 16.21 -15.42 -35.98
CA CYS F 95 17.41 -15.61 -36.83
C CYS F 95 17.13 -15.14 -38.25
N ALA F 96 18.17 -14.73 -38.96
CA ALA F 96 18.02 -14.23 -40.32
C ALA F 96 19.22 -14.59 -41.19
N LYS F 97 18.97 -14.85 -42.48
CA LYS F 97 20.05 -15.11 -43.43
C LYS F 97 20.56 -13.79 -44.00
N HIS F 98 21.87 -13.69 -44.23
CA HIS F 98 22.50 -12.70 -45.13
C HIS F 98 23.51 -12.08 -44.26
N THR F 99 24.39 -11.29 -44.89
CA THR F 99 25.47 -10.57 -44.23
C THR F 99 25.83 -9.34 -45.06
N ASP F 105 16.34 -12.63 -48.84
CA ASP F 105 16.55 -12.22 -47.43
C ASP F 105 15.37 -12.65 -46.54
N SER F 106 15.49 -13.83 -45.92
CA SER F 106 14.36 -14.41 -45.18
C SER F 106 14.58 -14.53 -43.66
N TRP F 107 13.50 -14.36 -42.90
CA TRP F 107 13.53 -14.36 -41.44
C TRP F 107 12.72 -15.49 -40.88
N GLY F 108 13.12 -15.99 -39.72
CA GLY F 108 12.34 -16.98 -39.01
C GLY F 108 10.98 -16.47 -38.54
N GLN F 109 10.24 -17.31 -37.84
CA GLN F 109 8.98 -16.86 -37.30
C GLN F 109 9.28 -16.17 -35.98
N GLY F 110 10.47 -16.45 -35.45
CA GLY F 110 10.88 -15.88 -34.20
C GLY F 110 10.42 -16.79 -33.10
N THR F 111 11.01 -16.65 -31.94
CA THR F 111 10.58 -17.42 -30.79
C THR F 111 10.35 -16.48 -29.58
N SER F 112 9.14 -16.50 -29.03
CA SER F 112 8.78 -15.64 -27.88
C SER F 112 9.52 -16.14 -26.63
N VAL F 113 10.19 -15.21 -25.95
CA VAL F 113 10.97 -15.57 -24.78
C VAL F 113 10.64 -14.64 -23.66
N THR F 114 10.04 -15.21 -22.62
CA THR F 114 9.66 -14.44 -21.46
C THR F 114 10.64 -14.74 -20.34
N VAL F 115 11.24 -13.70 -19.77
CA VAL F 115 12.17 -13.93 -18.64
C VAL F 115 11.53 -13.67 -17.28
N SER F 116 11.05 -14.74 -16.66
CA SER F 116 10.37 -14.64 -15.39
C SER F 116 10.72 -15.89 -14.61
N SER F 117 10.86 -15.75 -13.29
CA SER F 117 10.99 -16.93 -12.45
C SER F 117 9.65 -17.64 -12.30
N ALA F 118 8.55 -16.96 -12.63
CA ALA F 118 7.19 -17.48 -12.35
C ALA F 118 6.90 -18.67 -13.17
N SER F 119 5.76 -19.28 -12.91
CA SER F 119 5.44 -20.55 -13.49
C SER F 119 4.20 -20.43 -14.33
N THR F 120 4.04 -21.39 -15.22
CA THR F 120 3.12 -21.30 -16.34
C THR F 120 1.70 -21.55 -15.93
N LYS F 121 0.85 -20.55 -16.06
CA LYS F 121 -0.58 -20.75 -15.93
C LYS F 121 -1.26 -20.68 -17.31
N GLY F 122 -2.07 -21.69 -17.60
CA GLY F 122 -2.92 -21.69 -18.79
C GLY F 122 -4.10 -20.79 -18.52
N PRO F 123 -4.75 -20.29 -19.58
CA PRO F 123 -5.82 -19.30 -19.48
C PRO F 123 -7.12 -19.96 -19.11
N SER F 124 -8.03 -19.19 -18.54
CA SER F 124 -9.39 -19.63 -18.42
C SER F 124 -10.18 -18.75 -19.39
N VAL F 125 -11.12 -19.33 -20.13
CA VAL F 125 -11.77 -18.68 -21.24
C VAL F 125 -13.26 -18.53 -21.01
N PHE F 126 -13.76 -17.34 -21.21
CA PHE F 126 -15.13 -17.08 -20.85
C PHE F 126 -15.87 -16.47 -22.04
N PRO F 127 -17.14 -16.89 -22.26
CA PRO F 127 -17.92 -16.37 -23.37
C PRO F 127 -18.42 -14.96 -23.13
N LEU F 128 -18.11 -14.08 -24.08
CA LEU F 128 -18.75 -12.78 -24.18
C LEU F 128 -19.98 -12.97 -25.06
N ALA F 129 -21.12 -13.26 -24.43
CA ALA F 129 -22.35 -13.57 -25.16
C ALA F 129 -23.12 -12.35 -25.64
N PRO F 130 -23.95 -12.54 -26.68
CA PRO F 130 -24.81 -11.54 -27.35
C PRO F 130 -26.09 -11.15 -26.60
N SER F 136 -26.26 -2.19 -32.24
CA SER F 136 -26.57 -3.43 -32.94
C SER F 136 -27.21 -3.13 -34.32
N GLY F 137 -28.52 -3.32 -34.41
CA GLY F 137 -29.28 -3.14 -35.64
C GLY F 137 -28.76 -3.99 -36.78
N GLY F 138 -29.10 -5.27 -36.75
CA GLY F 138 -28.68 -6.17 -37.80
C GLY F 138 -27.40 -6.88 -37.46
N THR F 139 -26.62 -6.28 -36.56
CA THR F 139 -25.30 -6.81 -36.18
C THR F 139 -25.01 -6.94 -34.66
N ALA F 140 -24.39 -8.05 -34.30
CA ALA F 140 -23.99 -8.40 -32.94
C ALA F 140 -22.50 -8.81 -33.05
N ALA F 141 -21.60 -8.65 -32.05
CA ALA F 141 -21.75 -8.35 -30.63
C ALA F 141 -21.47 -9.60 -29.78
N LEU F 142 -20.36 -10.26 -30.05
CA LEU F 142 -19.97 -11.43 -29.25
C LEU F 142 -18.45 -11.66 -29.27
N GLY F 143 -17.99 -12.53 -28.36
CA GLY F 143 -16.55 -12.70 -28.16
C GLY F 143 -16.16 -13.69 -27.09
N CYS F 144 -14.86 -13.76 -26.82
CA CYS F 144 -14.29 -14.70 -25.85
C CYS F 144 -13.36 -13.91 -25.00
N LEU F 145 -13.36 -14.17 -23.69
CA LEU F 145 -12.46 -13.50 -22.79
C LEU F 145 -11.49 -14.52 -22.32
N VAL F 146 -10.21 -14.26 -22.55
CA VAL F 146 -9.17 -15.22 -22.28
C VAL F 146 -8.32 -14.66 -21.14
N LYS F 147 -8.73 -15.01 -19.93
CA LYS F 147 -8.24 -14.38 -18.71
C LYS F 147 -7.04 -15.11 -18.07
N ASP F 148 -6.20 -14.33 -17.40
CA ASP F 148 -5.08 -14.80 -16.53
C ASP F 148 -4.30 -16.00 -17.05
N TYR F 149 -3.38 -15.74 -17.95
CA TYR F 149 -2.46 -16.79 -18.39
C TYR F 149 -1.06 -16.21 -18.41
N PHE F 150 -0.08 -17.08 -18.46
CA PHE F 150 1.29 -16.65 -18.45
C PHE F 150 2.14 -17.85 -18.91
N PRO F 151 3.17 -17.62 -19.76
CA PRO F 151 3.46 -16.36 -20.40
C PRO F 151 2.74 -16.23 -21.75
N GLU F 152 3.19 -15.24 -22.50
CA GLU F 152 2.71 -14.96 -23.82
C GLU F 152 3.37 -16.04 -24.67
N PRO F 153 2.70 -16.55 -25.71
CA PRO F 153 1.44 -16.02 -26.25
C PRO F 153 0.27 -16.96 -26.21
N VAL F 154 -0.83 -16.51 -26.76
CA VAL F 154 -1.99 -17.30 -26.98
C VAL F 154 -2.41 -17.00 -28.41
N THR F 155 -2.98 -17.99 -29.09
CA THR F 155 -3.60 -17.71 -30.35
C THR F 155 -5.10 -17.96 -30.19
N VAL F 156 -5.87 -17.09 -30.84
CA VAL F 156 -7.31 -17.26 -30.84
C VAL F 156 -7.80 -17.22 -32.27
N SER F 157 -8.66 -18.16 -32.63
CA SER F 157 -9.34 -18.06 -33.92
C SER F 157 -10.79 -18.37 -33.75
N TRP F 158 -11.56 -18.28 -34.83
CA TRP F 158 -13.01 -18.47 -34.76
C TRP F 158 -13.53 -19.49 -35.74
N ASN F 159 -14.29 -20.45 -35.23
CA ASN F 159 -14.74 -21.60 -36.01
C ASN F 159 -13.52 -22.19 -36.70
N SER F 160 -12.52 -22.52 -35.89
CA SER F 160 -11.22 -23.07 -36.33
C SER F 160 -10.65 -22.51 -37.65
N GLY F 161 -10.81 -21.22 -37.90
CA GLY F 161 -10.24 -20.56 -39.07
C GLY F 161 -11.23 -19.97 -40.06
N ALA F 162 -12.46 -20.51 -40.08
CA ALA F 162 -13.53 -20.13 -41.03
C ALA F 162 -13.96 -18.65 -41.02
N LEU F 163 -14.07 -18.08 -39.81
CA LEU F 163 -14.45 -16.67 -39.59
C LEU F 163 -13.21 -15.80 -39.34
N THR F 164 -12.92 -14.88 -40.27
CA THR F 164 -11.75 -14.02 -40.12
C THR F 164 -12.01 -12.49 -40.11
N SER F 165 -13.08 -12.05 -40.74
CA SER F 165 -13.33 -10.63 -40.86
C SER F 165 -14.40 -10.28 -39.89
N GLY F 166 -14.33 -9.07 -39.35
CA GLY F 166 -15.21 -8.68 -38.26
C GLY F 166 -14.58 -9.11 -36.95
N VAL F 167 -13.48 -9.84 -37.04
CA VAL F 167 -12.77 -10.35 -35.87
C VAL F 167 -11.76 -9.34 -35.35
N HIS F 168 -11.80 -9.11 -34.04
CA HIS F 168 -10.77 -8.33 -33.34
C HIS F 168 -10.28 -9.09 -32.18
N THR F 169 -8.99 -9.34 -32.17
CA THR F 169 -8.38 -9.93 -31.01
C THR F 169 -7.45 -8.87 -30.46
N PHE F 170 -7.67 -8.51 -29.20
CA PHE F 170 -6.91 -7.44 -28.58
C PHE F 170 -5.53 -7.90 -28.16
N PRO F 171 -4.58 -6.97 -28.12
CA PRO F 171 -3.27 -7.31 -27.56
C PRO F 171 -3.50 -7.66 -26.10
N ALA F 172 -2.79 -8.66 -25.61
CA ALA F 172 -2.86 -9.02 -24.22
C ALA F 172 -2.36 -7.89 -23.34
N VAL F 173 -3.06 -7.68 -22.23
CA VAL F 173 -2.65 -6.70 -21.23
C VAL F 173 -2.29 -7.34 -19.90
N LEU F 174 -1.33 -6.77 -19.20
CA LEU F 174 -0.99 -7.24 -17.89
C LEU F 174 -2.06 -6.75 -16.94
N GLN F 175 -2.61 -7.71 -16.19
CA GLN F 175 -3.39 -7.37 -15.03
C GLN F 175 -2.48 -7.09 -13.84
N SER F 176 -3.07 -6.59 -12.78
CA SER F 176 -2.28 -6.26 -11.60
C SER F 176 -1.69 -7.53 -10.99
N SER F 177 -2.28 -8.68 -11.30
CA SER F 177 -1.78 -9.97 -10.85
C SER F 177 -0.48 -10.36 -11.51
N GLY F 178 -0.07 -9.62 -12.53
CA GLY F 178 1.09 -10.02 -13.33
C GLY F 178 0.78 -11.05 -14.40
N LEU F 179 -0.49 -11.44 -14.50
CA LEU F 179 -0.89 -12.38 -15.55
C LEU F 179 -1.42 -11.59 -16.72
N TYR F 180 -1.34 -12.18 -17.91
CA TYR F 180 -1.94 -11.54 -19.07
C TYR F 180 -3.44 -11.78 -19.14
N SER F 181 -4.12 -10.92 -19.85
CA SER F 181 -5.46 -11.25 -20.29
C SER F 181 -5.77 -10.51 -21.58
N LEU F 182 -6.62 -11.10 -22.42
CA LEU F 182 -7.12 -10.37 -23.60
C LEU F 182 -8.52 -10.81 -23.92
N SER F 183 -9.12 -10.18 -24.89
CA SER F 183 -10.40 -10.66 -25.41
C SER F 183 -10.33 -10.66 -26.93
N SER F 184 -10.94 -11.65 -27.55
CA SER F 184 -11.17 -11.61 -28.96
C SER F 184 -12.66 -11.46 -29.17
N VAL F 185 -13.02 -10.50 -30.01
CA VAL F 185 -14.40 -10.30 -30.39
C VAL F 185 -14.60 -10.42 -31.91
N VAL F 186 -15.81 -10.80 -32.27
CA VAL F 186 -16.23 -10.78 -33.64
C VAL F 186 -17.60 -10.11 -33.73
N THR F 187 -17.80 -9.38 -34.81
CA THR F 187 -19.11 -8.90 -35.16
C THR F 187 -19.71 -9.72 -36.31
N VAL F 188 -20.98 -10.09 -36.16
CA VAL F 188 -21.65 -10.96 -37.12
C VAL F 188 -23.09 -10.51 -37.36
N PRO F 189 -23.75 -11.05 -38.39
CA PRO F 189 -25.12 -10.58 -38.48
C PRO F 189 -26.01 -11.25 -37.44
N SER F 190 -26.83 -10.44 -36.76
CA SER F 190 -27.75 -10.98 -35.75
C SER F 190 -28.63 -12.03 -36.37
N SER F 191 -29.10 -11.78 -37.59
CA SER F 191 -29.84 -12.79 -38.35
C SER F 191 -29.30 -14.22 -38.12
N SER F 192 -28.00 -14.38 -38.35
CA SER F 192 -27.29 -15.66 -38.29
C SER F 192 -27.20 -16.35 -36.92
N LEU F 193 -27.55 -15.64 -35.84
CA LEU F 193 -27.43 -16.15 -34.46
C LEU F 193 -28.08 -17.51 -34.11
N GLY F 194 -29.21 -17.81 -34.73
CA GLY F 194 -29.86 -19.11 -34.54
C GLY F 194 -29.28 -20.11 -35.50
N THR F 195 -29.30 -19.74 -36.78
CA THR F 195 -28.83 -20.59 -37.87
C THR F 195 -27.33 -20.96 -37.79
N GLN F 196 -26.53 -20.10 -37.16
CA GLN F 196 -25.10 -20.32 -37.06
C GLN F 196 -24.64 -20.43 -35.60
N THR F 197 -23.66 -21.30 -35.36
CA THR F 197 -23.08 -21.50 -34.04
C THR F 197 -21.65 -20.95 -34.03
N TYR F 198 -21.31 -20.12 -33.05
CA TYR F 198 -19.95 -19.62 -33.02
C TYR F 198 -19.14 -20.24 -31.88
N ILE F 199 -17.90 -20.61 -32.21
CA ILE F 199 -16.92 -21.12 -31.26
C ILE F 199 -15.59 -20.39 -31.49
N CYS F 200 -14.92 -19.98 -30.41
CA CYS F 200 -13.54 -19.50 -30.50
C CYS F 200 -12.56 -20.59 -30.13
N ASN F 201 -11.46 -20.67 -30.87
CA ASN F 201 -10.43 -21.67 -30.60
C ASN F 201 -9.23 -20.98 -29.98
N VAL F 202 -8.97 -21.34 -28.73
CA VAL F 202 -7.91 -20.73 -27.96
C VAL F 202 -6.80 -21.71 -27.68
N ASN F 203 -5.57 -21.29 -27.95
CA ASN F 203 -4.45 -22.18 -27.78
C ASN F 203 -3.29 -21.52 -27.05
N HIS F 204 -2.80 -22.19 -26.01
CA HIS F 204 -1.69 -21.70 -25.21
C HIS F 204 -0.60 -22.76 -25.12
N LYS F 205 0.34 -22.73 -26.07
CA LYS F 205 1.45 -23.68 -26.11
C LYS F 205 2.11 -23.85 -24.74
N PRO F 206 2.53 -22.75 -24.09
CA PRO F 206 3.41 -22.94 -22.91
C PRO F 206 2.83 -23.77 -21.78
N SER F 207 1.51 -23.94 -21.77
CA SER F 207 0.86 -24.76 -20.77
C SER F 207 0.07 -25.89 -21.41
N ASN F 208 0.38 -26.21 -22.67
CA ASN F 208 -0.28 -27.29 -23.41
C ASN F 208 -1.80 -27.23 -23.29
N THR F 209 -2.33 -26.02 -23.28
CA THR F 209 -3.74 -25.83 -23.04
C THR F 209 -4.39 -25.52 -24.36
N LYS F 210 -5.57 -26.10 -24.56
CA LYS F 210 -6.32 -25.84 -25.75
C LYS F 210 -7.78 -25.92 -25.40
N VAL F 211 -8.48 -24.83 -25.61
CA VAL F 211 -9.88 -24.77 -25.25
C VAL F 211 -10.65 -24.34 -26.45
N ASP F 212 -11.88 -24.83 -26.55
CA ASP F 212 -12.86 -24.26 -27.46
C ASP F 212 -14.10 -23.96 -26.66
N LYS F 213 -14.79 -22.89 -27.05
CA LYS F 213 -15.98 -22.48 -26.33
C LYS F 213 -17.04 -22.02 -27.30
N LYS F 214 -18.20 -22.68 -27.23
CA LYS F 214 -19.39 -22.22 -27.92
C LYS F 214 -19.78 -20.93 -27.26
N VAL F 215 -20.18 -19.95 -28.05
CA VAL F 215 -20.64 -18.70 -27.48
C VAL F 215 -22.09 -18.58 -27.87
N GLU F 216 -22.99 -18.62 -26.89
CA GLU F 216 -24.43 -18.61 -27.14
C GLU F 216 -25.09 -17.38 -26.52
N PRO F 217 -26.20 -16.89 -27.13
CA PRO F 217 -27.00 -15.79 -26.55
C PRO F 217 -27.84 -16.30 -25.38
N LYS F 218 -28.43 -15.43 -24.54
CA LYS F 218 -28.15 -13.98 -24.46
C LYS F 218 -27.21 -13.76 -23.27
#